data_7M42
#
_entry.id   7M42
#
_cell.length_a   1.00
_cell.length_b   1.00
_cell.length_c   1.00
_cell.angle_alpha   90.00
_cell.angle_beta   90.00
_cell.angle_gamma   90.00
#
_symmetry.space_group_name_H-M   'P 1'
#
loop_
_entity.id
_entity.type
_entity.pdbx_description
1 polymer 'REGN10989 antibody Fab fragment light chain'
2 polymer 'REGN10989 antibody Fab fragment heavy chain'
3 polymer 'Spike protein S1'
4 polymer 'REGN10985 antibody Fab fragment light chain'
5 polymer 'REGN10985 antibody Fab fragment heavy chain'
6 branched beta-D-mannopyranose-(1-4)-2-acetamido-2-deoxy-beta-D-glucopyranose-(1-4)-2-acetamido-2-deoxy-beta-D-glucopyranose
#
loop_
_entity_poly.entity_id
_entity_poly.type
_entity_poly.pdbx_seq_one_letter_code
_entity_poly.pdbx_strand_id
1 'polypeptide(L)'
;QSALTQPASVSGSPGQSITISCTGTSSDVGTYNYVSWYQQHPGKAPKLMIFDVSNRPSGVSDRFSGSKSGNTASLTISGL
QAEDEADYYCSSFTTSSTVVFGGGTKLTVLGQPKAAPSVTLFPPSSEELQANKATLVCLISDFYPGAVTVAWKADSSPVK
AGVETTTPSKQSNNKYAASSYLSLTPEQWKSHRSYSCQVTHEGSTVEKTVAPTECS
;
A
2 'polypeptide(L)'
;QVQLVQSGAEVKKPGASVKVSCKASGYIFTGYYMHWVRQAPGQGLEWMGWINPNSGGANYAQKFQGRVTLTRDTSITTVY
MELSRLRFDDTAVYYCARGSRYDWNQNNWFDPWGQGTLVTVSSASTKGPSVFPLAPSSKSTSGGTAALGCLVKDYFPEPV
TVSWNSGALTSGVHTFPAVLQSSGLYSLSSVVTVPSSSLGTQTYICNVNHKPSNTKVDKKVEPKSCDKT
;
B
3 'polypeptide(L)'
;RVQPTESIVRFPNITNLCPFGEVFNATRFASVYAWNRKRISNCVADYSVLYNSASFSTFKCYGVSPTKLNDLCFTNVYAD
SFVIRGDEVRQIAPGQTGKIADYNYKLPDDFTGCVIAWNSNNLDSKVGGNYNYLYRLFRKSNLKPFERDISTEIYQAGST
PCNGVEGFNCYFPLQSYGFQPTNGVGYQPYRVVVLSFELLHAPATVCGPKKSTNLVKNKCVNFEQKLISEEDLGGEQKLI
SEEDLHHHHHH
;
E
4 'polypeptide(L)'
;QSVLTQPPSVSGAPGQRVTISCTGSSSNIGAGYDVHWYQQLPGTAPKLLIYGNSNRPSGVPDRFSGSKSGTSASLAITGL
QAEDEADYYCQSYDSSLSGSYVFGTGTKVTVLGQPKAAPSVTLFPPSSEELQANKATLVCLISDFYPGAVTVAWKADSSP
VKAGVETTTPSKQSNNKYAASSYLSLTPEQWKSHRSYSCQVTHEGSTVEKTVAPTECS
;
C
5 'polypeptide(L)'
;EVQLVESGGGLVQPGRSLRLSCAASGFTFDDYAMHWVRQAPGKGLEWVSGISWNRGSIGYADSVKGRFTISRDNAKNSLY
LQMSSLRAEDTALYYCAKDGERWDSVVVPSARNGMDVWGQGTTVTVSSASTKGPSVFPLAPSSKSTSGGTAALGCLVKDY
FPEPVTVSWNSGALTSGVHTFPAVLQSSGLYSLSSVVTVPSSSLGTQTYICNVNHKPSNTKVDKKVEPKSCDKT
;
D
#
# COMPACT_ATOMS: atom_id res chain seq x y z
N ALA A 3 -34.63 16.63 12.27
CA ALA A 3 -33.69 15.52 12.34
C ALA A 3 -34.28 14.26 11.73
N LEU A 4 -33.65 13.13 12.00
CA LEU A 4 -34.08 11.83 11.50
C LEU A 4 -34.66 11.01 12.66
N THR A 5 -35.83 10.43 12.43
CA THR A 5 -36.54 9.68 13.46
C THR A 5 -36.18 8.20 13.37
N GLN A 6 -35.75 7.63 14.48
CA GLN A 6 -35.41 6.22 14.57
C GLN A 6 -36.22 5.56 15.69
N PRO A 7 -36.41 4.25 15.64
CA PRO A 7 -37.06 3.56 16.76
C PRO A 7 -36.21 3.62 18.01
N ALA A 8 -36.88 3.45 19.16
CA ALA A 8 -36.19 3.56 20.45
C ALA A 8 -35.23 2.40 20.66
N SER A 9 -35.76 1.18 20.69
CA SER A 9 -34.95 -0.01 20.94
C SER A 9 -35.54 -1.18 20.16
N VAL A 10 -34.65 -2.02 19.63
CA VAL A 10 -35.05 -3.22 18.89
C VAL A 10 -34.37 -4.43 19.53
N SER A 11 -35.13 -5.51 19.69
CA SER A 11 -34.65 -6.73 20.30
C SER A 11 -34.91 -7.90 19.38
N GLY A 12 -33.94 -8.81 19.28
CA GLY A 12 -34.08 -9.98 18.43
C GLY A 12 -33.25 -11.13 18.94
N SER A 13 -33.55 -12.33 18.42
CA SER A 13 -32.85 -13.56 18.75
C SER A 13 -31.65 -13.74 17.85
N PRO A 14 -30.61 -14.44 18.31
CA PRO A 14 -29.45 -14.68 17.45
C PRO A 14 -29.82 -15.51 16.23
N GLY A 15 -29.20 -15.16 15.09
CA GLY A 15 -29.48 -15.81 13.83
C GLY A 15 -30.63 -15.24 13.04
N GLN A 16 -31.49 -14.43 13.66
CA GLN A 16 -32.63 -13.84 12.97
C GLN A 16 -32.18 -12.56 12.25
N SER A 17 -33.14 -11.80 11.75
CA SER A 17 -32.87 -10.56 11.03
C SER A 17 -33.67 -9.42 11.65
N ILE A 18 -33.02 -8.27 11.81
CA ILE A 18 -33.64 -7.07 12.36
C ILE A 18 -33.47 -5.95 11.35
N THR A 19 -34.56 -5.20 11.12
CA THR A 19 -34.58 -4.08 10.18
C THR A 19 -34.84 -2.80 10.96
N ILE A 20 -33.85 -1.91 10.99
CA ILE A 20 -33.97 -0.61 11.63
C ILE A 20 -34.30 0.42 10.56
N SER A 21 -35.37 1.19 10.79
CA SER A 21 -35.87 2.13 9.78
C SER A 21 -35.53 3.55 10.21
N CYS A 22 -34.73 4.22 9.40
CA CYS A 22 -34.38 5.63 9.61
C CYS A 22 -35.21 6.47 8.65
N THR A 23 -36.19 7.18 9.20
CA THR A 23 -37.09 8.01 8.41
C THR A 23 -36.53 9.44 8.37
N GLY A 24 -36.33 9.96 7.16
CA GLY A 24 -35.77 11.28 7.00
C GLY A 24 -36.73 12.31 6.44
N THR A 25 -36.29 13.05 5.43
CA THR A 25 -37.08 14.12 4.85
C THR A 25 -36.72 14.23 3.37
N SER A 26 -37.68 14.71 2.57
CA SER A 26 -37.47 14.84 1.13
C SER A 26 -36.27 15.72 0.79
N SER A 27 -35.81 16.54 1.74
CA SER A 27 -34.60 17.34 1.55
C SER A 27 -33.36 16.68 2.13
N ASP A 28 -33.52 15.57 2.86
CA ASP A 28 -32.39 14.84 3.45
C ASP A 28 -32.14 13.50 2.77
N VAL A 29 -33.17 12.67 2.63
CA VAL A 29 -33.07 11.35 2.02
C VAL A 29 -33.77 11.29 0.67
N GLY A 30 -34.46 12.36 0.26
CA GLY A 30 -35.17 12.35 -1.00
C GLY A 30 -34.34 12.87 -2.16
N THR A 31 -33.42 13.79 -1.87
CA THR A 31 -32.59 14.38 -2.91
C THR A 31 -31.28 13.63 -3.08
N TYR A 32 -30.52 13.45 -2.00
CA TYR A 32 -29.23 12.80 -2.05
C TYR A 32 -29.32 11.36 -1.53
N ASN A 33 -28.27 10.60 -1.78
CA ASN A 33 -28.16 9.21 -1.34
C ASN A 33 -26.88 9.01 -0.54
N TYR A 34 -26.61 9.93 0.39
CA TYR A 34 -25.41 9.91 1.21
C TYR A 34 -25.70 9.48 2.64
N VAL A 35 -26.73 8.67 2.85
CA VAL A 35 -27.06 8.21 4.19
C VAL A 35 -25.97 7.27 4.69
N SER A 36 -25.61 7.42 5.97
CA SER A 36 -24.58 6.61 6.59
C SER A 36 -25.09 6.05 7.91
N TRP A 37 -24.55 4.89 8.30
CA TRP A 37 -24.91 4.20 9.52
C TRP A 37 -23.65 3.97 10.35
N TYR A 38 -23.61 4.56 11.55
CA TYR A 38 -22.49 4.44 12.46
C TYR A 38 -22.89 3.63 13.68
N GLN A 39 -21.91 2.92 14.25
CA GLN A 39 -22.10 2.13 15.46
C GLN A 39 -21.16 2.64 16.55
N GLN A 40 -21.68 2.76 17.76
CA GLN A 40 -20.92 3.23 18.90
C GLN A 40 -21.12 2.28 20.07
N HIS A 41 -20.02 1.82 20.64
CA HIS A 41 -20.02 0.97 21.82
C HIS A 41 -19.96 1.82 23.09
N PRO A 42 -20.43 1.29 24.23
CA PRO A 42 -20.39 2.06 25.47
C PRO A 42 -18.97 2.40 25.91
N GLY A 43 -18.62 3.67 25.87
CA GLY A 43 -17.30 4.11 26.29
C GLY A 43 -16.25 4.02 25.20
N LYS A 44 -16.59 4.41 23.98
CA LYS A 44 -15.65 4.38 22.87
C LYS A 44 -16.12 5.36 21.81
N ALA A 45 -15.27 5.55 20.81
CA ALA A 45 -15.60 6.46 19.72
C ALA A 45 -16.49 5.76 18.70
N PRO A 46 -17.43 6.48 18.08
CA PRO A 46 -18.30 5.85 17.09
C PRO A 46 -17.51 5.37 15.89
N LYS A 47 -17.75 4.13 15.49
CA LYS A 47 -17.08 3.51 14.36
C LYS A 47 -17.95 3.61 13.11
N LEU A 48 -17.29 3.78 11.97
CA LEU A 48 -18.00 3.86 10.70
C LEU A 48 -18.34 2.46 10.23
N MET A 49 -19.63 2.15 10.13
CA MET A 49 -20.07 0.84 9.69
C MET A 49 -20.46 0.83 8.22
N ILE A 50 -21.44 1.65 7.82
CA ILE A 50 -21.86 1.70 6.44
C ILE A 50 -21.88 3.13 5.93
N PHE A 51 -21.28 3.33 4.76
CA PHE A 51 -21.23 4.60 4.05
C PHE A 51 -21.75 4.17 2.69
N ASP A 52 -22.52 5.01 2.00
CA ASP A 52 -23.02 4.55 0.70
C ASP A 52 -24.01 3.42 0.89
N VAL A 53 -25.29 3.74 1.08
CA VAL A 53 -26.44 2.85 1.27
C VAL A 53 -26.31 1.43 0.69
N SER A 54 -25.19 1.13 0.02
CA SER A 54 -24.97 -0.20 -0.53
C SER A 54 -23.55 -0.65 -0.20
N ASN A 55 -22.55 0.15 -0.55
CA ASN A 55 -21.16 -0.21 -0.32
C ASN A 55 -20.86 -0.31 1.18
N ARG A 56 -19.94 -1.21 1.54
CA ARG A 56 -19.52 -1.39 2.92
C ARG A 56 -18.00 -1.36 2.98
N PRO A 57 -17.40 -0.56 3.87
CA PRO A 57 -15.94 -0.46 3.93
C PRO A 57 -15.25 -1.77 4.29
N SER A 58 -13.94 -1.78 4.05
CA SER A 58 -13.11 -2.95 4.34
C SER A 58 -13.07 -3.22 5.84
N GLY A 59 -13.03 -4.50 6.20
CA GLY A 59 -13.02 -4.89 7.59
C GLY A 59 -14.39 -5.07 8.21
N VAL A 60 -15.46 -4.96 7.42
CA VAL A 60 -16.82 -5.13 7.90
C VAL A 60 -17.36 -6.42 7.32
N SER A 61 -18.11 -7.16 8.13
CA SER A 61 -18.66 -8.43 7.70
C SER A 61 -19.91 -8.21 6.85
N ASP A 62 -20.41 -9.31 6.29
CA ASP A 62 -21.58 -9.26 5.42
C ASP A 62 -22.88 -9.27 6.21
N ARG A 63 -22.82 -9.46 7.53
CA ARG A 63 -24.03 -9.55 8.34
C ARG A 63 -24.85 -8.28 8.31
N PHE A 64 -24.23 -7.13 8.01
CA PHE A 64 -24.92 -5.86 7.93
C PHE A 64 -25.15 -5.48 6.48
N SER A 65 -26.31 -4.88 6.19
CA SER A 65 -26.60 -4.40 4.85
C SER A 65 -27.51 -3.19 4.95
N GLY A 66 -27.58 -2.45 3.86
CA GLY A 66 -28.40 -1.23 3.81
C GLY A 66 -29.29 -1.19 2.60
N SER A 67 -30.49 -0.68 2.79
CA SER A 67 -31.48 -0.54 1.73
C SER A 67 -32.10 0.86 1.77
N LYS A 68 -32.68 1.27 0.65
CA LYS A 68 -33.30 2.57 0.54
C LYS A 68 -34.45 2.50 -0.45
N SER A 69 -35.60 3.04 -0.06
CA SER A 69 -36.79 3.03 -0.93
C SER A 69 -37.60 4.28 -0.62
N GLY A 70 -37.45 5.29 -1.46
CA GLY A 70 -38.20 6.54 -1.30
C GLY A 70 -37.48 7.53 -0.39
N ASN A 71 -38.06 7.78 0.79
CA ASN A 71 -37.54 8.75 1.74
C ASN A 71 -37.26 8.10 3.10
N THR A 72 -36.97 6.80 3.11
CA THR A 72 -36.73 6.06 4.35
C THR A 72 -35.63 5.04 4.10
N ALA A 73 -34.54 5.14 4.84
CA ALA A 73 -33.46 4.18 4.74
C ALA A 73 -33.68 3.05 5.75
N SER A 74 -32.99 1.93 5.52
CA SER A 74 -33.15 0.77 6.38
C SER A 74 -31.81 0.06 6.54
N LEU A 75 -31.54 -0.41 7.74
CA LEU A 75 -30.36 -1.19 8.05
C LEU A 75 -30.80 -2.58 8.47
N THR A 76 -30.34 -3.60 7.74
CA THR A 76 -30.71 -4.98 7.95
C THR A 76 -29.52 -5.71 8.57
N ILE A 77 -29.70 -6.20 9.79
CA ILE A 77 -28.67 -6.98 10.48
C ILE A 77 -29.16 -8.42 10.57
N SER A 78 -28.35 -9.35 10.04
CA SER A 78 -28.67 -10.77 10.03
C SER A 78 -27.59 -11.54 10.78
N GLY A 79 -28.01 -12.57 11.50
CA GLY A 79 -27.07 -13.37 12.27
C GLY A 79 -26.56 -12.65 13.50
N LEU A 80 -27.46 -12.39 14.45
CA LEU A 80 -27.09 -11.66 15.65
C LEU A 80 -26.09 -12.46 16.50
N GLN A 81 -25.16 -11.74 17.11
CA GLN A 81 -24.17 -12.33 18.01
C GLN A 81 -24.05 -11.43 19.24
N ALA A 82 -23.07 -11.73 20.09
CA ALA A 82 -22.86 -10.93 21.29
C ALA A 82 -22.12 -9.63 21.01
N GLU A 83 -21.36 -9.56 19.91
CA GLU A 83 -20.60 -8.38 19.55
C GLU A 83 -21.38 -7.38 18.72
N ASP A 84 -22.72 -7.45 18.76
CA ASP A 84 -23.56 -6.55 17.97
C ASP A 84 -24.34 -5.55 18.80
N GLU A 85 -24.50 -5.78 20.10
CA GLU A 85 -25.27 -4.87 20.94
C GLU A 85 -24.51 -3.56 21.12
N ALA A 86 -25.01 -2.50 20.50
CA ALA A 86 -24.40 -1.18 20.57
C ALA A 86 -25.44 -0.15 20.16
N ASP A 87 -25.02 1.09 19.97
CA ASP A 87 -25.90 2.18 19.57
C ASP A 87 -25.68 2.50 18.10
N TYR A 88 -26.76 2.46 17.32
CA TYR A 88 -26.70 2.68 15.88
C TYR A 88 -27.33 4.04 15.55
N TYR A 89 -26.62 4.82 14.75
CA TYR A 89 -27.05 6.17 14.38
C TYR A 89 -27.06 6.30 12.86
N CYS A 90 -28.12 6.90 12.33
CA CYS A 90 -28.22 7.20 10.91
C CYS A 90 -27.99 8.68 10.69
N SER A 91 -27.19 9.01 9.68
CA SER A 91 -26.85 10.38 9.35
C SER A 91 -27.03 10.61 7.86
N SER A 92 -27.11 11.89 7.49
CA SER A 92 -27.32 12.23 6.08
C SER A 92 -26.93 13.68 5.85
N PHE A 93 -26.64 14.00 4.59
CA PHE A 93 -26.28 15.35 4.18
C PHE A 93 -27.47 16.00 3.49
N THR A 94 -27.89 17.16 4.00
CA THR A 94 -29.02 17.89 3.41
C THR A 94 -28.57 18.62 2.15
N THR A 95 -29.51 19.33 1.53
CA THR A 95 -29.21 20.06 0.31
C THR A 95 -28.41 21.33 0.57
N SER A 96 -28.42 21.83 1.81
CA SER A 96 -27.68 23.04 2.17
C SER A 96 -26.31 22.74 2.75
N SER A 97 -25.71 21.61 2.38
CA SER A 97 -24.42 21.17 2.90
C SER A 97 -24.39 21.20 4.43
N THR A 98 -25.27 20.40 5.01
CA THR A 98 -25.42 20.33 6.46
C THR A 98 -25.71 18.88 6.83
N VAL A 99 -24.97 18.36 7.81
CA VAL A 99 -25.14 16.98 8.27
C VAL A 99 -26.25 16.94 9.31
N VAL A 100 -27.01 15.86 9.30
CA VAL A 100 -28.10 15.66 10.25
C VAL A 100 -28.04 14.22 10.74
N PHE A 101 -28.08 14.05 12.06
CA PHE A 101 -28.03 12.75 12.72
C PHE A 101 -29.42 12.34 13.18
N GLY A 102 -29.55 11.07 13.56
CA GLY A 102 -30.81 10.52 14.02
C GLY A 102 -30.90 10.47 15.53
N GLY A 103 -32.07 10.03 16.01
CA GLY A 103 -32.32 9.93 17.43
C GLY A 103 -31.56 8.81 18.13
N GLY A 104 -30.95 7.91 17.39
CA GLY A 104 -30.18 6.83 17.99
C GLY A 104 -31.02 5.61 18.32
N THR A 105 -30.53 4.44 17.91
CA THR A 105 -31.21 3.18 18.16
C THR A 105 -30.30 2.25 18.97
N LYS A 106 -30.88 1.57 19.95
CA LYS A 106 -30.14 0.66 20.81
C LYS A 106 -30.58 -0.77 20.51
N LEU A 107 -29.60 -1.62 20.18
CA LEU A 107 -29.86 -3.01 19.83
C LEU A 107 -29.57 -3.89 21.05
N THR A 108 -30.62 -4.50 21.59
CA THR A 108 -30.52 -5.39 22.75
C THR A 108 -30.68 -6.82 22.25
N VAL A 109 -29.57 -7.53 22.13
CA VAL A 109 -29.58 -8.91 21.64
C VAL A 109 -30.17 -9.80 22.71
N LEU A 110 -31.37 -10.32 22.46
CA LEU A 110 -32.01 -11.22 23.42
C LEU A 110 -31.34 -12.59 23.38
N GLY A 111 -31.33 -13.26 24.54
CA GLY A 111 -30.74 -14.58 24.63
C GLY A 111 -29.87 -14.75 25.85
N GLN A 112 -29.72 -13.69 26.64
CA GLN A 112 -28.89 -13.78 27.85
C GLN A 112 -29.76 -14.15 29.05
N PRO A 113 -29.23 -14.95 29.97
CA PRO A 113 -30.03 -15.41 31.11
C PRO A 113 -30.23 -14.31 32.15
N LYS A 114 -31.18 -14.56 33.04
CA LYS A 114 -31.51 -13.64 34.12
C LYS A 114 -30.64 -13.95 35.34
N ALA A 115 -30.06 -12.90 35.93
CA ALA A 115 -29.17 -13.03 37.07
C ALA A 115 -29.70 -12.20 38.22
N ALA A 116 -29.75 -12.79 39.42
CA ALA A 116 -30.21 -12.09 40.60
C ALA A 116 -29.09 -11.19 41.14
N PRO A 117 -29.45 -10.04 41.70
CA PRO A 117 -28.42 -9.11 42.18
C PRO A 117 -27.83 -9.52 43.51
N SER A 118 -26.56 -9.14 43.70
CA SER A 118 -25.83 -9.34 44.94
C SER A 118 -25.63 -7.99 45.60
N VAL A 119 -26.09 -7.86 46.85
CA VAL A 119 -26.12 -6.59 47.56
C VAL A 119 -25.17 -6.67 48.74
N THR A 120 -24.33 -5.65 48.89
CA THR A 120 -23.44 -5.51 50.03
C THR A 120 -23.73 -4.18 50.72
N LEU A 121 -23.95 -4.24 52.03
CA LEU A 121 -24.35 -3.07 52.81
C LEU A 121 -23.27 -2.76 53.83
N PHE A 122 -22.81 -1.51 53.85
CA PHE A 122 -21.76 -1.06 54.74
C PHE A 122 -22.25 0.11 55.60
N PRO A 123 -22.05 0.05 56.92
CA PRO A 123 -22.48 1.14 57.79
C PRO A 123 -21.43 2.23 57.86
N PRO A 124 -21.77 3.38 58.43
CA PRO A 124 -20.75 4.43 58.62
C PRO A 124 -19.68 4.00 59.61
N SER A 125 -18.42 4.18 59.21
CA SER A 125 -17.30 3.76 60.03
C SER A 125 -17.18 4.65 61.27
N SER A 126 -16.24 4.28 62.15
CA SER A 126 -16.01 5.08 63.35
C SER A 126 -15.42 6.44 63.02
N GLU A 127 -14.55 6.51 62.01
CA GLU A 127 -14.00 7.80 61.61
C GLU A 127 -15.07 8.70 61.01
N GLU A 128 -16.11 8.11 60.40
CA GLU A 128 -17.20 8.90 59.86
C GLU A 128 -17.93 9.64 60.97
N LEU A 129 -18.31 8.94 62.03
CA LEU A 129 -19.00 9.63 63.10
C LEU A 129 -18.03 10.44 63.96
N GLN A 130 -16.73 10.13 63.86
CA GLN A 130 -15.72 10.92 64.56
C GLN A 130 -15.51 12.26 63.90
N ALA A 131 -15.89 12.39 62.62
CA ALA A 131 -15.78 13.65 61.90
C ALA A 131 -17.13 14.31 61.67
N ASN A 132 -18.12 13.98 62.51
CA ASN A 132 -19.47 14.56 62.45
C ASN A 132 -20.12 14.29 61.09
N LYS A 133 -20.06 13.02 60.68
CA LYS A 133 -20.66 12.59 59.42
C LYS A 133 -21.16 11.16 59.57
N ALA A 134 -21.98 10.74 58.60
CA ALA A 134 -22.49 9.37 58.59
C ALA A 134 -22.94 9.05 57.17
N THR A 135 -22.48 7.91 56.66
CA THR A 135 -22.81 7.50 55.30
C THR A 135 -23.01 6.00 55.26
N LEU A 136 -24.20 5.56 54.86
CA LEU A 136 -24.49 4.15 54.63
C LEU A 136 -24.37 3.86 53.15
N VAL A 137 -23.74 2.73 52.82
CA VAL A 137 -23.43 2.38 51.45
C VAL A 137 -24.15 1.09 51.10
N CYS A 138 -24.78 1.05 49.92
CA CYS A 138 -25.47 -0.14 49.42
C CYS A 138 -25.00 -0.39 47.99
N LEU A 139 -24.23 -1.44 47.79
CA LEU A 139 -23.64 -1.75 46.48
C LEU A 139 -24.33 -2.95 45.87
N ILE A 140 -24.72 -2.82 44.61
CA ILE A 140 -25.42 -3.87 43.87
C ILE A 140 -24.50 -4.32 42.74
N SER A 141 -24.38 -5.63 42.55
CA SER A 141 -23.47 -6.17 41.54
C SER A 141 -24.06 -7.43 40.93
N ASP A 142 -23.71 -7.67 39.67
CA ASP A 142 -24.03 -8.91 38.96
C ASP A 142 -25.54 -9.14 38.91
N PHE A 143 -26.22 -8.23 38.20
CA PHE A 143 -27.64 -8.37 37.94
C PHE A 143 -27.92 -8.05 36.47
N TYR A 144 -29.07 -8.53 35.99
CA TYR A 144 -29.47 -8.32 34.61
C TYR A 144 -30.98 -8.48 34.51
N PRO A 145 -31.68 -7.61 33.76
CA PRO A 145 -31.11 -6.49 33.01
C PRO A 145 -30.83 -5.27 33.88
N GLY A 146 -30.42 -4.17 33.25
CA GLY A 146 -30.08 -2.96 33.97
C GLY A 146 -31.28 -2.17 34.45
N ALA A 147 -32.13 -2.81 35.25
CA ALA A 147 -33.31 -2.16 35.82
C ALA A 147 -33.47 -2.62 37.25
N VAL A 148 -33.37 -1.69 38.19
CA VAL A 148 -33.47 -2.01 39.61
C VAL A 148 -33.82 -0.74 40.37
N THR A 149 -34.73 -0.87 41.33
CA THR A 149 -35.11 0.24 42.20
C THR A 149 -34.53 0.03 43.59
N VAL A 150 -34.24 1.13 44.27
CA VAL A 150 -33.60 1.09 45.59
C VAL A 150 -34.51 1.81 46.58
N ALA A 151 -34.55 1.29 47.81
CA ALA A 151 -35.33 1.88 48.89
C ALA A 151 -34.55 1.77 50.19
N TRP A 152 -34.72 2.78 51.05
CA TRP A 152 -34.09 2.80 52.36
C TRP A 152 -35.17 2.76 53.42
N LYS A 153 -35.03 1.83 54.37
CA LYS A 153 -36.07 1.55 55.34
C LYS A 153 -35.49 1.62 56.75
N ALA A 154 -35.98 2.57 57.54
CA ALA A 154 -35.78 2.52 58.97
C ALA A 154 -36.80 1.55 59.58
N ASP A 155 -36.61 1.24 60.87
CA ASP A 155 -37.32 0.17 61.57
C ASP A 155 -38.77 0.01 61.13
N SER A 156 -39.49 1.12 60.98
CA SER A 156 -40.83 1.07 60.42
C SER A 156 -41.14 2.23 59.48
N SER A 157 -40.12 2.88 58.91
CA SER A 157 -40.40 4.10 58.16
C SER A 157 -39.61 4.13 56.85
N PRO A 158 -40.11 4.85 55.84
CA PRO A 158 -39.33 5.06 54.63
C PRO A 158 -38.34 6.21 54.79
N VAL A 159 -37.26 6.16 54.01
CA VAL A 159 -36.26 7.22 53.98
C VAL A 159 -36.18 7.72 52.54
N LYS A 160 -36.60 8.97 52.33
CA LYS A 160 -36.60 9.57 51.00
C LYS A 160 -35.66 10.75 50.86
N ALA A 161 -35.34 11.45 51.95
CA ALA A 161 -34.46 12.62 51.91
C ALA A 161 -33.06 12.19 52.30
N GLY A 162 -32.09 12.46 51.42
CA GLY A 162 -30.71 12.13 51.69
C GLY A 162 -30.26 10.83 51.05
N VAL A 163 -30.78 10.54 49.85
CA VAL A 163 -30.46 9.32 49.13
C VAL A 163 -29.87 9.72 47.78
N GLU A 164 -28.69 9.17 47.47
CA GLU A 164 -28.00 9.43 46.22
C GLU A 164 -27.77 8.10 45.52
N THR A 165 -28.42 7.92 44.37
CA THR A 165 -28.35 6.67 43.61
C THR A 165 -27.84 6.95 42.22
N THR A 166 -26.85 6.18 41.78
CA THR A 166 -26.27 6.33 40.46
C THR A 166 -27.06 5.49 39.44
N THR A 167 -26.68 5.63 38.17
CA THR A 167 -27.31 4.86 37.10
C THR A 167 -26.59 3.53 36.91
N PRO A 168 -27.33 2.46 36.60
CA PRO A 168 -26.68 1.15 36.41
C PRO A 168 -25.76 1.17 35.19
N SER A 169 -24.56 0.63 35.36
CA SER A 169 -23.57 0.54 34.31
C SER A 169 -23.13 -0.90 34.13
N LYS A 170 -22.69 -1.23 32.91
CA LYS A 170 -22.30 -2.59 32.58
C LYS A 170 -20.87 -2.88 33.00
N GLN A 171 -20.65 -4.05 33.57
CA GLN A 171 -19.32 -4.47 33.99
C GLN A 171 -18.57 -5.06 32.80
N SER A 172 -17.43 -5.69 33.06
CA SER A 172 -16.65 -6.31 32.00
C SER A 172 -17.24 -7.65 31.58
N ASN A 173 -17.93 -8.34 32.49
CA ASN A 173 -18.53 -9.64 32.22
C ASN A 173 -19.97 -9.54 31.75
N ASN A 174 -20.34 -8.43 31.11
CA ASN A 174 -21.67 -8.22 30.52
C ASN A 174 -22.77 -8.20 31.57
N LYS A 175 -22.45 -7.90 32.82
CA LYS A 175 -23.43 -7.73 33.87
C LYS A 175 -23.39 -6.29 34.37
N TYR A 176 -24.37 -5.94 35.21
CA TYR A 176 -24.55 -4.57 35.66
C TYR A 176 -24.21 -4.43 37.14
N ALA A 177 -24.07 -3.16 37.56
CA ALA A 177 -23.75 -2.84 38.94
C ALA A 177 -24.14 -1.39 39.20
N ALA A 178 -24.40 -1.09 40.47
CA ALA A 178 -24.81 0.25 40.88
C ALA A 178 -24.45 0.44 42.34
N SER A 179 -24.67 1.66 42.82
CA SER A 179 -24.37 2.00 44.20
C SER A 179 -25.36 3.05 44.69
N SER A 180 -25.59 3.05 46.00
CA SER A 180 -26.50 3.99 46.65
C SER A 180 -25.90 4.44 47.96
N TYR A 181 -26.06 5.72 48.27
CA TYR A 181 -25.50 6.32 49.47
C TYR A 181 -26.60 7.04 50.25
N LEU A 182 -26.60 6.82 51.57
CA LEU A 182 -27.53 7.47 52.48
C LEU A 182 -26.72 8.33 53.44
N SER A 183 -26.87 9.65 53.34
CA SER A 183 -26.11 10.59 54.15
C SER A 183 -26.94 11.03 55.36
N LEU A 184 -26.37 10.88 56.56
CA LEU A 184 -27.04 11.25 57.79
C LEU A 184 -25.99 11.72 58.79
N THR A 185 -26.48 12.27 59.90
CA THR A 185 -25.66 12.72 61.03
C THR A 185 -25.49 11.59 62.04
N PRO A 186 -24.36 11.56 62.76
CA PRO A 186 -24.16 10.52 63.78
C PRO A 186 -25.29 10.41 64.79
N GLU A 187 -25.94 11.54 65.12
CA GLU A 187 -27.07 11.49 66.05
C GLU A 187 -28.22 10.66 65.48
N GLN A 188 -28.55 10.89 64.20
CA GLN A 188 -29.62 10.11 63.57
C GLN A 188 -29.20 8.67 63.36
N TRP A 189 -27.90 8.41 63.18
CA TRP A 189 -27.44 7.03 63.01
C TRP A 189 -27.52 6.25 64.30
N LYS A 190 -27.18 6.89 65.43
CA LYS A 190 -27.21 6.23 66.73
C LYS A 190 -28.57 6.36 67.41
N SER A 191 -29.52 7.10 66.83
CA SER A 191 -30.83 7.24 67.43
C SER A 191 -31.75 6.07 67.08
N HIS A 192 -31.64 5.54 65.87
CA HIS A 192 -32.47 4.43 65.45
C HIS A 192 -31.78 3.09 65.73
N ARG A 193 -32.59 2.03 65.78
CA ARG A 193 -32.06 0.70 66.10
C ARG A 193 -31.31 0.10 64.92
N SER A 194 -31.92 0.12 63.74
CA SER A 194 -31.31 -0.49 62.57
C SER A 194 -31.85 0.17 61.31
N TYR A 195 -31.12 -0.03 60.21
CA TYR A 195 -31.52 0.46 58.90
C TYR A 195 -31.46 -0.70 57.91
N SER A 196 -32.06 -0.52 56.74
CA SER A 196 -32.06 -1.57 55.73
C SER A 196 -32.11 -0.97 54.34
N CYS A 197 -31.40 -1.62 53.42
CA CYS A 197 -31.40 -1.30 52.00
C CYS A 197 -32.15 -2.39 51.25
N GLN A 198 -33.15 -2.01 50.46
CA GLN A 198 -33.98 -2.96 49.72
C GLN A 198 -33.84 -2.69 48.23
N VAL A 199 -33.60 -3.74 47.47
CA VAL A 199 -33.47 -3.66 46.02
C VAL A 199 -34.62 -4.44 45.39
N THR A 200 -35.22 -3.87 44.35
CA THR A 200 -36.30 -4.49 43.61
C THR A 200 -35.87 -4.65 42.16
N HIS A 201 -36.03 -5.87 41.64
CA HIS A 201 -35.61 -6.20 40.28
C HIS A 201 -36.55 -7.26 39.74
N GLU A 202 -37.29 -6.90 38.69
CA GLU A 202 -38.19 -7.83 37.98
C GLU A 202 -39.12 -8.55 38.96
N GLY A 203 -39.75 -7.78 39.84
CA GLY A 203 -40.67 -8.32 40.81
C GLY A 203 -40.02 -8.91 42.05
N SER A 204 -38.76 -9.33 41.95
CA SER A 204 -38.07 -9.88 43.09
C SER A 204 -37.54 -8.76 43.98
N THR A 205 -37.39 -9.06 45.27
CA THR A 205 -36.91 -8.08 46.23
C THR A 205 -35.87 -8.73 47.14
N VAL A 206 -34.83 -7.98 47.47
CA VAL A 206 -33.76 -8.42 48.36
C VAL A 206 -33.46 -7.31 49.36
N GLU A 207 -33.51 -7.64 50.64
CA GLU A 207 -33.26 -6.67 51.70
C GLU A 207 -32.00 -7.04 52.47
N LYS A 208 -31.29 -6.00 52.94
CA LYS A 208 -30.11 -6.17 53.77
C LYS A 208 -30.18 -5.19 54.92
N THR A 209 -30.00 -5.69 56.14
CA THR A 209 -30.14 -4.88 57.34
C THR A 209 -28.80 -4.68 58.02
N VAL A 210 -28.67 -3.56 58.74
CA VAL A 210 -27.48 -3.24 59.50
C VAL A 210 -27.89 -2.54 60.79
N ALA A 211 -27.17 -2.82 61.86
CA ALA A 211 -27.42 -2.23 63.17
C ALA A 211 -26.09 -2.00 63.88
N PRO A 212 -25.99 -0.93 64.68
CA PRO A 212 -24.77 -0.62 65.43
C PRO A 212 -24.39 -1.72 66.41
N GLN B 1 -0.78 5.22 7.16
CA GLN B 1 -2.00 5.28 7.96
C GLN B 1 -2.35 6.73 8.31
N VAL B 2 -3.63 6.96 8.61
CA VAL B 2 -4.11 8.28 8.99
C VAL B 2 -4.64 8.20 10.42
N GLN B 3 -4.56 9.33 11.13
CA GLN B 3 -5.02 9.38 12.51
C GLN B 3 -5.26 10.81 12.93
N LEU B 4 -6.11 10.97 13.93
CA LEU B 4 -6.42 12.26 14.54
C LEU B 4 -6.27 12.15 16.05
N VAL B 5 -5.63 13.15 16.65
CA VAL B 5 -5.42 13.18 18.09
C VAL B 5 -6.02 14.45 18.65
N GLN B 6 -6.50 14.36 19.88
CA GLN B 6 -7.11 15.49 20.58
C GLN B 6 -6.30 15.81 21.83
N SER B 7 -6.76 16.82 22.58
CA SER B 7 -6.12 17.21 23.82
C SER B 7 -6.75 16.46 24.99
N GLY B 8 -6.21 16.68 26.18
CA GLY B 8 -6.73 16.04 27.36
C GLY B 8 -8.08 16.61 27.79
N ALA B 9 -8.68 15.95 28.78
CA ALA B 9 -9.96 16.39 29.30
C ALA B 9 -9.82 17.73 30.00
N GLU B 10 -10.91 18.48 30.06
CA GLU B 10 -10.92 19.81 30.65
C GLU B 10 -12.10 19.95 31.60
N VAL B 11 -11.92 20.82 32.59
CA VAL B 11 -12.97 21.13 33.57
C VAL B 11 -13.00 22.63 33.77
N LYS B 12 -14.17 23.23 33.58
CA LYS B 12 -14.30 24.68 33.66
C LYS B 12 -15.42 25.11 34.59
N LYS B 13 -15.71 26.41 34.61
CA LYS B 13 -16.77 26.99 35.42
C LYS B 13 -17.75 27.74 34.53
N PRO B 14 -19.01 27.90 34.97
CA PRO B 14 -19.99 28.65 34.18
C PRO B 14 -19.56 30.07 33.88
N GLY B 15 -19.32 30.37 32.61
CA GLY B 15 -18.85 31.68 32.20
C GLY B 15 -17.46 31.70 31.60
N ALA B 16 -16.74 30.58 31.64
CA ALA B 16 -15.38 30.53 31.10
C ALA B 16 -15.44 30.22 29.61
N SER B 17 -14.28 29.93 29.03
CA SER B 17 -14.19 29.63 27.61
C SER B 17 -13.20 28.50 27.40
N VAL B 18 -13.63 27.46 26.69
CA VAL B 18 -12.81 26.29 26.44
C VAL B 18 -12.31 26.32 25.00
N LYS B 19 -11.17 25.66 24.78
CA LYS B 19 -10.54 25.61 23.45
C LYS B 19 -9.96 24.21 23.26
N VAL B 20 -10.55 23.44 22.34
CA VAL B 20 -10.12 22.08 22.07
C VAL B 20 -9.34 22.06 20.77
N SER B 21 -8.19 21.38 20.78
CA SER B 21 -7.34 21.25 19.61
C SER B 21 -7.42 19.85 19.05
N CYS B 22 -7.33 19.74 17.72
CA CYS B 22 -7.36 18.46 17.03
C CYS B 22 -6.28 18.46 15.96
N LYS B 23 -5.34 17.52 16.07
CA LYS B 23 -4.21 17.43 15.16
C LYS B 23 -4.34 16.18 14.30
N ALA B 24 -4.26 16.36 12.98
CA ALA B 24 -4.36 15.27 12.03
C ALA B 24 -2.96 14.92 11.50
N SER B 25 -2.70 13.63 11.34
CA SER B 25 -1.40 13.18 10.85
C SER B 25 -1.59 11.92 10.02
N GLY B 26 -1.00 11.90 8.84
CA GLY B 26 -1.02 10.74 7.97
C GLY B 26 -1.60 10.98 6.58
N TYR B 27 -2.00 12.20 6.24
CA TYR B 27 -2.59 12.48 4.94
C TYR B 27 -2.46 13.97 4.66
N ILE B 28 -3.00 14.40 3.53
CA ILE B 28 -2.98 15.81 3.15
C ILE B 28 -3.97 16.54 4.06
N PHE B 29 -3.45 17.32 5.01
CA PHE B 29 -4.31 17.97 6.00
C PHE B 29 -5.23 19.00 5.36
N THR B 30 -4.81 19.61 4.25
CA THR B 30 -5.57 20.67 3.59
C THR B 30 -6.35 20.16 2.39
N GLY B 31 -6.85 18.93 2.45
CA GLY B 31 -7.62 18.37 1.35
C GLY B 31 -8.86 17.64 1.81
N TYR B 32 -9.28 17.87 3.04
CA TYR B 32 -10.44 17.20 3.61
C TYR B 32 -11.06 18.09 4.67
N TYR B 33 -12.38 18.27 4.59
CA TYR B 33 -13.09 19.07 5.58
C TYR B 33 -13.02 18.41 6.95
N MET B 34 -13.10 19.22 8.00
CA MET B 34 -13.02 18.76 9.38
C MET B 34 -14.32 19.08 10.10
N HIS B 35 -15.04 18.05 10.53
CA HIS B 35 -16.30 18.21 11.22
C HIS B 35 -16.11 18.01 12.73
N TRP B 36 -17.01 18.61 13.50
CA TRP B 36 -17.03 18.48 14.95
C TRP B 36 -18.38 17.94 15.39
N VAL B 37 -18.36 16.91 16.22
CA VAL B 37 -19.57 16.25 16.69
C VAL B 37 -19.54 16.22 18.21
N ARG B 38 -20.62 16.71 18.82
CA ARG B 38 -20.73 16.78 20.28
C ARG B 38 -21.73 15.75 20.77
N GLN B 39 -21.39 15.09 21.88
CA GLN B 39 -22.23 14.04 22.44
C GLN B 39 -22.34 14.25 23.94
N ALA B 40 -23.56 14.50 24.43
CA ALA B 40 -23.79 14.67 25.85
C ALA B 40 -23.71 13.31 26.54
N PRO B 41 -23.41 13.30 27.85
CA PRO B 41 -23.36 12.02 28.57
C PRO B 41 -24.71 11.33 28.56
N GLY B 42 -24.77 10.17 27.92
CA GLY B 42 -26.01 9.43 27.81
C GLY B 42 -27.03 10.05 26.90
N GLN B 43 -26.59 10.64 25.78
CA GLN B 43 -27.46 11.28 24.82
C GLN B 43 -26.98 10.97 23.42
N GLY B 44 -27.86 11.24 22.44
CA GLY B 44 -27.52 11.00 21.06
C GLY B 44 -26.49 12.00 20.53
N LEU B 45 -25.97 11.67 19.35
CA LEU B 45 -24.98 12.53 18.71
C LEU B 45 -25.60 13.85 18.26
N GLU B 46 -24.79 14.89 18.26
CA GLU B 46 -25.21 16.22 17.85
C GLU B 46 -24.14 16.83 16.96
N TRP B 47 -24.56 17.42 15.84
CA TRP B 47 -23.65 18.01 14.87
C TRP B 47 -23.44 19.48 15.20
N MET B 48 -22.18 19.88 15.38
CA MET B 48 -21.85 21.26 15.69
C MET B 48 -21.54 22.08 14.44
N GLY B 49 -20.64 21.59 13.60
CA GLY B 49 -20.30 22.29 12.38
C GLY B 49 -19.00 21.78 11.80
N TRP B 50 -18.72 22.25 10.59
CA TRP B 50 -17.52 21.87 9.87
C TRP B 50 -16.68 23.09 9.51
N ILE B 51 -15.42 22.83 9.19
CA ILE B 51 -14.46 23.87 8.82
C ILE B 51 -13.57 23.32 7.71
N ASN B 52 -13.21 24.20 6.77
CA ASN B 52 -12.31 23.84 5.68
C ASN B 52 -10.90 24.26 6.04
N PRO B 53 -9.97 23.31 6.26
CA PRO B 53 -8.61 23.67 6.63
C PRO B 53 -7.76 24.21 5.48
N ASN B 54 -8.34 24.34 4.29
CA ASN B 54 -7.61 24.85 3.13
C ASN B 54 -7.71 26.36 3.03
N SER B 55 -8.94 26.89 2.95
CA SER B 55 -9.17 28.32 2.84
C SER B 55 -9.42 29.00 4.17
N GLY B 56 -10.17 28.36 5.06
CA GLY B 56 -10.50 28.94 6.35
C GLY B 56 -11.97 29.14 6.61
N GLY B 57 -12.85 28.87 5.65
CA GLY B 57 -14.27 29.01 5.89
C GLY B 57 -14.80 27.95 6.85
N ALA B 58 -15.98 28.24 7.41
CA ALA B 58 -16.59 27.34 8.38
C ALA B 58 -18.10 27.53 8.36
N ASN B 59 -18.82 26.46 8.66
CA ASN B 59 -20.28 26.48 8.72
C ASN B 59 -20.70 25.79 10.01
N TYR B 60 -21.42 26.51 10.86
CA TYR B 60 -21.87 26.00 12.14
C TYR B 60 -23.37 25.72 12.09
N ALA B 61 -23.84 24.97 13.08
CA ALA B 61 -25.27 24.69 13.18
C ALA B 61 -26.01 25.93 13.70
N GLN B 62 -27.34 25.88 13.59
CA GLN B 62 -28.16 27.00 14.03
C GLN B 62 -28.13 27.15 15.54
N LYS B 63 -27.94 26.06 16.28
CA LYS B 63 -27.91 26.14 17.73
C LYS B 63 -26.63 26.80 18.23
N PHE B 64 -25.50 26.54 17.58
CA PHE B 64 -24.21 27.11 17.96
C PHE B 64 -23.79 28.22 17.01
N GLN B 65 -24.74 29.04 16.56
CA GLN B 65 -24.42 30.06 15.56
C GLN B 65 -23.64 31.22 16.16
N GLY B 66 -23.79 31.46 17.46
CA GLY B 66 -23.23 32.66 18.05
C GLY B 66 -22.08 32.48 19.02
N ARG B 67 -21.94 31.29 19.60
CA ARG B 67 -20.97 31.07 20.68
C ARG B 67 -20.05 29.90 20.35
N VAL B 68 -19.50 29.89 19.13
CA VAL B 68 -18.49 28.91 18.74
C VAL B 68 -17.57 29.55 17.71
N THR B 69 -16.32 29.10 17.68
CA THR B 69 -15.34 29.62 16.73
C THR B 69 -14.41 28.49 16.31
N LEU B 70 -14.33 28.24 15.01
CA LEU B 70 -13.46 27.21 14.46
C LEU B 70 -12.33 27.86 13.67
N THR B 71 -11.09 27.58 14.06
CA THR B 71 -9.91 28.14 13.42
C THR B 71 -8.98 27.02 13.01
N ARG B 72 -8.05 27.35 12.11
CA ARG B 72 -7.10 26.39 11.57
C ARG B 72 -5.68 26.90 11.75
N ASP B 73 -4.72 25.99 11.61
CA ASP B 73 -3.30 26.35 11.65
C ASP B 73 -2.54 25.30 10.84
N THR B 74 -2.16 25.66 9.61
CA THR B 74 -1.50 24.72 8.71
C THR B 74 -0.01 24.56 9.00
N SER B 75 0.59 25.45 9.78
CA SER B 75 2.00 25.30 10.11
C SER B 75 2.24 24.07 10.98
N ILE B 76 1.29 23.74 11.85
CA ILE B 76 1.36 22.61 12.75
C ILE B 76 0.21 21.63 12.49
N THR B 77 -0.57 21.87 11.45
CA THR B 77 -1.70 21.03 11.02
C THR B 77 -2.65 20.72 12.17
N THR B 78 -3.22 21.79 12.74
CA THR B 78 -4.16 21.67 13.84
C THR B 78 -5.42 22.46 13.54
N VAL B 79 -6.51 22.06 14.20
CA VAL B 79 -7.80 22.74 14.11
C VAL B 79 -8.28 23.00 15.54
N TYR B 80 -8.58 24.26 15.83
CA TYR B 80 -9.03 24.66 17.15
C TYR B 80 -10.53 24.99 17.14
N MET B 81 -11.22 24.57 18.19
CA MET B 81 -12.63 24.87 18.39
C MET B 81 -12.77 25.54 19.75
N GLU B 82 -13.19 26.80 19.74
CA GLU B 82 -13.35 27.60 20.95
C GLU B 82 -14.83 27.75 21.24
N LEU B 83 -15.23 27.36 22.45
CA LEU B 83 -16.61 27.49 22.93
C LEU B 83 -16.60 28.46 24.11
N SER B 84 -17.28 29.59 23.93
CA SER B 84 -17.33 30.65 24.93
C SER B 84 -18.70 30.71 25.57
N ARG B 85 -18.75 31.34 26.75
CA ARG B 85 -19.97 31.49 27.53
C ARG B 85 -20.61 30.14 27.80
N LEU B 86 -19.87 29.29 28.53
CA LEU B 86 -20.33 27.94 28.82
C LEU B 86 -21.53 27.97 29.75
N ARG B 87 -22.26 26.86 29.76
CA ARG B 87 -23.43 26.69 30.62
C ARG B 87 -23.36 25.30 31.23
N PHE B 88 -24.45 24.89 31.89
CA PHE B 88 -24.51 23.56 32.48
C PHE B 88 -24.91 22.49 31.47
N ASP B 89 -25.44 22.88 30.32
CA ASP B 89 -25.81 21.95 29.27
C ASP B 89 -24.69 21.77 28.24
N ASP B 90 -23.52 22.35 28.47
CA ASP B 90 -22.41 22.28 27.54
C ASP B 90 -21.37 21.24 27.92
N THR B 91 -21.64 20.43 28.95
CA THR B 91 -20.74 19.36 29.33
C THR B 91 -20.97 18.16 28.43
N ALA B 92 -19.95 17.81 27.64
CA ALA B 92 -20.09 16.76 26.64
C ALA B 92 -18.70 16.32 26.16
N VAL B 93 -18.70 15.34 25.24
CA VAL B 93 -17.51 14.86 24.57
C VAL B 93 -17.52 15.38 23.15
N TYR B 94 -16.39 15.96 22.72
CA TYR B 94 -16.26 16.64 21.43
C TYR B 94 -15.31 15.85 20.54
N TYR B 95 -15.86 15.12 19.57
CA TYR B 95 -15.05 14.39 18.60
C TYR B 95 -14.80 15.25 17.37
N CYS B 96 -13.57 15.17 16.85
CA CYS B 96 -13.21 15.78 15.58
C CYS B 96 -13.05 14.68 14.54
N ALA B 97 -13.70 14.83 13.40
CA ALA B 97 -13.73 13.79 12.38
C ALA B 97 -13.35 14.37 11.02
N ARG B 98 -12.81 13.52 10.17
CA ARG B 98 -12.49 13.88 8.80
C ARG B 98 -13.74 13.71 7.94
N GLY B 99 -14.24 14.82 7.39
CA GLY B 99 -15.49 14.78 6.67
C GLY B 99 -15.36 14.52 5.18
N SER B 100 -15.94 15.39 4.37
CA SER B 100 -15.97 15.19 2.94
C SER B 100 -14.63 15.57 2.29
N ARG B 101 -14.52 15.26 1.00
CA ARG B 101 -13.35 15.62 0.22
C ARG B 101 -13.44 17.08 -0.21
N TYR B 102 -12.43 17.55 -0.94
CA TYR B 102 -12.39 18.95 -1.35
C TYR B 102 -13.43 19.30 -2.40
N ASP B 103 -14.11 18.30 -2.98
CA ASP B 103 -15.09 18.56 -4.03
C ASP B 103 -16.44 17.88 -3.74
N TRP B 104 -16.64 17.39 -2.51
CA TRP B 104 -17.93 16.87 -2.05
C TRP B 104 -18.44 15.72 -2.93
N ASN B 105 -17.54 14.93 -3.51
CA ASN B 105 -17.95 13.86 -4.40
C ASN B 105 -17.56 12.48 -3.89
N GLN B 106 -16.29 12.28 -3.54
CA GLN B 106 -15.82 10.95 -3.16
C GLN B 106 -16.21 10.60 -1.74
N ASN B 107 -15.71 11.36 -0.77
CA ASN B 107 -15.94 11.07 0.64
C ASN B 107 -17.14 11.85 1.15
N ASN B 108 -18.05 11.14 1.82
CA ASN B 108 -19.20 11.77 2.46
C ASN B 108 -19.51 11.11 3.80
N TRP B 109 -18.49 10.58 4.48
CA TRP B 109 -18.67 9.87 5.73
C TRP B 109 -17.62 10.33 6.73
N PHE B 110 -17.99 10.32 8.01
CA PHE B 110 -17.09 10.75 9.09
C PHE B 110 -16.16 9.59 9.44
N ASP B 111 -14.94 9.61 8.89
CA ASP B 111 -13.95 8.58 9.16
C ASP B 111 -12.57 9.08 8.77
N PRO B 112 -11.56 8.94 9.64
CA PRO B 112 -11.68 8.35 10.98
C PRO B 112 -12.12 9.35 12.04
N TRP B 113 -12.39 8.86 13.24
CA TRP B 113 -12.81 9.70 14.35
C TRP B 113 -11.67 9.91 15.34
N GLY B 114 -11.81 10.94 16.17
CA GLY B 114 -10.85 11.22 17.20
C GLY B 114 -10.99 10.31 18.40
N GLN B 115 -10.14 10.55 19.40
CA GLN B 115 -10.18 9.73 20.60
C GLN B 115 -11.24 10.20 21.60
N GLY B 116 -11.70 11.44 21.48
CA GLY B 116 -12.75 11.95 22.34
C GLY B 116 -12.26 12.72 23.55
N THR B 117 -12.54 14.01 23.59
CA THR B 117 -12.19 14.87 24.72
C THR B 117 -13.44 15.28 25.47
N LEU B 118 -13.33 15.33 26.79
CA LEU B 118 -14.44 15.64 27.68
C LEU B 118 -14.29 17.06 28.21
N VAL B 119 -15.42 17.76 28.34
CA VAL B 119 -15.44 19.10 28.90
C VAL B 119 -16.49 19.12 30.01
N THR B 120 -16.03 19.21 31.25
CA THR B 120 -16.90 19.15 32.43
C THR B 120 -17.04 20.55 33.01
N VAL B 121 -18.18 21.19 32.74
CA VAL B 121 -18.46 22.51 33.27
C VAL B 121 -19.19 22.34 34.60
N SER B 122 -18.67 22.97 35.65
CA SER B 122 -19.28 22.87 36.97
C SER B 122 -18.84 24.06 37.82
N SER B 123 -19.58 24.29 38.91
CA SER B 123 -19.30 25.41 39.79
C SER B 123 -18.42 25.04 40.99
N ALA B 124 -18.39 23.77 41.37
CA ALA B 124 -17.59 23.35 42.52
C ALA B 124 -16.10 23.49 42.22
N SER B 125 -15.35 23.93 43.22
CA SER B 125 -13.92 24.12 43.08
C SER B 125 -13.16 22.82 43.34
N THR B 126 -11.88 22.82 42.99
CA THR B 126 -11.02 21.66 43.19
C THR B 126 -10.85 21.40 44.68
N LYS B 127 -11.36 20.26 45.14
CA LYS B 127 -11.31 19.89 46.55
C LYS B 127 -10.64 18.53 46.69
N GLY B 128 -9.84 18.37 47.75
CA GLY B 128 -9.16 17.14 48.01
C GLY B 128 -10.10 16.05 48.49
N PRO B 129 -9.79 14.80 48.16
CA PRO B 129 -10.66 13.69 48.54
C PRO B 129 -10.55 13.34 50.02
N SER B 130 -11.54 12.60 50.49
CA SER B 130 -11.56 12.08 51.86
C SER B 130 -11.73 10.57 51.80
N VAL B 131 -10.81 9.84 52.43
CA VAL B 131 -10.79 8.39 52.39
C VAL B 131 -11.34 7.84 53.69
N PHE B 132 -12.21 6.84 53.59
CA PHE B 132 -12.77 6.19 54.77
C PHE B 132 -12.78 4.68 54.59
N PRO B 133 -12.32 3.91 55.57
CA PRO B 133 -12.25 2.46 55.41
C PRO B 133 -13.58 1.78 55.73
N LEU B 134 -14.19 1.17 54.71
CA LEU B 134 -15.35 0.31 54.93
C LEU B 134 -14.81 -1.04 55.37
N ALA B 135 -14.81 -1.27 56.68
CA ALA B 135 -14.23 -2.45 57.30
C ALA B 135 -15.21 -3.61 57.29
N PRO B 136 -14.71 -4.84 57.22
CA PRO B 136 -15.59 -6.01 57.26
C PRO B 136 -16.02 -6.32 58.69
N SER B 137 -17.05 -7.16 58.80
CA SER B 137 -17.58 -7.58 60.08
C SER B 137 -18.05 -9.02 59.97
N SER B 138 -18.48 -9.58 61.10
CA SER B 138 -19.02 -10.95 61.11
C SER B 138 -20.32 -11.06 60.34
N LYS B 139 -21.02 -9.95 60.13
CA LYS B 139 -22.27 -9.97 59.37
C LYS B 139 -22.06 -9.78 57.87
N SER B 140 -20.90 -9.28 57.46
CA SER B 140 -20.59 -9.05 56.06
C SER B 140 -19.76 -10.18 55.45
N THR B 141 -19.84 -11.39 56.02
CA THR B 141 -19.09 -12.53 55.51
C THR B 141 -19.99 -13.75 55.50
N SER B 142 -19.84 -14.58 54.47
CA SER B 142 -20.64 -15.80 54.34
C SER B 142 -19.90 -16.77 53.42
N GLY B 143 -19.67 -17.98 53.92
CA GLY B 143 -18.95 -18.98 53.16
C GLY B 143 -17.44 -18.83 53.17
N GLY B 144 -16.90 -17.90 53.96
CA GLY B 144 -15.47 -17.71 54.05
C GLY B 144 -14.91 -16.57 53.22
N THR B 145 -15.74 -15.71 52.66
CA THR B 145 -15.31 -14.57 51.85
C THR B 145 -15.91 -13.31 52.43
N ALA B 146 -15.05 -12.40 52.90
CA ALA B 146 -15.49 -11.12 53.45
C ALA B 146 -15.08 -9.99 52.52
N ALA B 147 -15.94 -8.96 52.47
CA ALA B 147 -15.71 -7.81 51.61
C ALA B 147 -15.25 -6.61 52.45
N LEU B 148 -14.27 -5.89 51.94
CA LEU B 148 -13.75 -4.71 52.61
C LEU B 148 -13.23 -3.74 51.57
N GLY B 149 -13.31 -2.45 51.86
CA GLY B 149 -12.92 -1.50 50.84
C GLY B 149 -12.61 -0.12 51.38
N CYS B 150 -12.38 0.79 50.45
CA CYS B 150 -12.06 2.19 50.75
C CYS B 150 -13.01 3.09 49.98
N LEU B 151 -13.56 4.10 50.67
CA LEU B 151 -14.53 5.03 50.12
C LEU B 151 -13.87 6.38 49.94
N VAL B 152 -13.87 6.88 48.70
CA VAL B 152 -13.35 8.20 48.38
C VAL B 152 -14.54 9.14 48.19
N LYS B 153 -14.65 10.13 49.07
CA LYS B 153 -15.82 10.99 49.13
C LYS B 153 -15.38 12.46 49.07
N ASP B 154 -16.24 13.29 48.47
CA ASP B 154 -16.08 14.75 48.49
C ASP B 154 -14.78 15.17 47.82
N TYR B 155 -14.68 14.86 46.53
CA TYR B 155 -13.54 15.25 45.72
C TYR B 155 -14.04 15.78 44.38
N PHE B 156 -13.18 16.56 43.72
CA PHE B 156 -13.49 17.15 42.42
C PHE B 156 -12.21 17.70 41.80
N PRO B 157 -11.99 17.50 40.49
CA PRO B 157 -12.86 16.73 39.59
C PRO B 157 -12.47 15.26 39.49
N GLU B 158 -12.98 14.59 38.45
CA GLU B 158 -12.72 13.21 38.07
C GLU B 158 -11.48 13.12 37.20
N PRO B 159 -10.77 11.98 37.18
CA PRO B 159 -11.01 10.78 38.01
C PRO B 159 -10.03 10.64 39.16
N VAL B 160 -10.12 9.53 39.88
CA VAL B 160 -9.20 9.18 40.94
C VAL B 160 -8.71 7.75 40.71
N THR B 161 -7.51 7.45 41.20
CA THR B 161 -6.88 6.15 40.99
C THR B 161 -6.74 5.44 42.33
N VAL B 162 -7.44 4.32 42.50
CA VAL B 162 -7.40 3.53 43.72
C VAL B 162 -6.73 2.20 43.40
N SER B 163 -5.70 1.86 44.17
CA SER B 163 -4.99 0.59 44.02
C SER B 163 -4.85 -0.08 45.38
N TRP B 164 -4.44 -1.35 45.34
CA TRP B 164 -4.26 -2.15 46.55
C TRP B 164 -2.84 -2.70 46.55
N ASN B 165 -2.04 -2.25 47.52
CA ASN B 165 -0.65 -2.69 47.66
C ASN B 165 0.15 -2.45 46.38
N SER B 166 0.06 -1.21 45.88
CA SER B 166 0.77 -0.76 44.69
C SER B 166 0.44 -1.59 43.46
N GLY B 167 -0.73 -2.22 43.43
CA GLY B 167 -1.14 -3.03 42.31
C GLY B 167 -0.92 -4.52 42.47
N ALA B 168 -0.53 -4.98 43.65
CA ALA B 168 -0.29 -6.42 43.84
C ALA B 168 -1.60 -7.19 43.88
N LEU B 169 -2.55 -6.73 44.69
CA LEU B 169 -3.83 -7.41 44.82
C LEU B 169 -4.74 -7.04 43.66
N THR B 170 -5.13 -8.05 42.87
CA THR B 170 -6.01 -7.83 41.73
C THR B 170 -7.15 -8.85 41.64
N SER B 171 -7.08 -9.94 42.39
CA SER B 171 -8.09 -11.00 42.33
C SER B 171 -9.25 -10.62 43.23
N GLY B 172 -10.30 -10.08 42.63
CA GLY B 172 -11.50 -9.73 43.36
C GLY B 172 -11.70 -8.26 43.66
N VAL B 173 -11.07 -7.38 42.91
CA VAL B 173 -11.19 -5.94 43.12
C VAL B 173 -12.34 -5.41 42.27
N HIS B 174 -13.08 -4.45 42.82
CA HIS B 174 -14.19 -3.84 42.09
C HIS B 174 -14.30 -2.38 42.51
N THR B 175 -14.14 -1.47 41.55
CA THR B 175 -14.24 -0.03 41.78
C THR B 175 -15.50 0.46 41.08
N PHE B 176 -16.54 0.73 41.86
CA PHE B 176 -17.80 1.19 41.32
C PHE B 176 -17.65 2.61 40.76
N PRO B 177 -18.48 2.99 39.79
CA PRO B 177 -18.41 4.34 39.24
C PRO B 177 -18.73 5.39 40.29
N ALA B 178 -18.23 6.60 40.05
CA ALA B 178 -18.39 7.70 40.99
C ALA B 178 -19.76 8.35 40.82
N VAL B 179 -20.49 8.48 41.93
CA VAL B 179 -21.79 9.13 41.91
C VAL B 179 -21.61 10.64 42.03
N LEU B 180 -22.61 11.38 41.55
CA LEU B 180 -22.61 12.83 41.60
C LEU B 180 -23.69 13.28 42.59
N GLN B 181 -23.26 13.80 43.74
CA GLN B 181 -24.18 14.24 44.77
C GLN B 181 -24.83 15.57 44.38
N SER B 182 -25.71 16.06 45.25
CA SER B 182 -26.40 17.32 45.00
C SER B 182 -25.54 18.55 45.27
N SER B 183 -24.30 18.36 45.70
CA SER B 183 -23.39 19.47 45.99
C SER B 183 -22.25 19.58 44.99
N GLY B 184 -22.18 18.69 44.00
CA GLY B 184 -21.12 18.72 43.01
C GLY B 184 -19.87 17.96 43.38
N LEU B 185 -19.89 17.19 44.47
CA LEU B 185 -18.75 16.41 44.92
C LEU B 185 -19.00 14.93 44.66
N TYR B 186 -17.98 14.25 44.16
CA TYR B 186 -18.11 12.85 43.77
C TYR B 186 -17.79 11.93 44.94
N SER B 187 -18.32 10.72 44.86
CA SER B 187 -18.08 9.70 45.87
C SER B 187 -18.13 8.32 45.23
N LEU B 188 -17.09 7.53 45.44
CA LEU B 188 -17.04 6.16 44.95
C LEU B 188 -16.45 5.26 46.03
N SER B 189 -16.51 3.95 45.79
CA SER B 189 -15.98 2.97 46.72
C SER B 189 -15.32 1.84 45.96
N SER B 190 -14.15 1.42 46.42
CA SER B 190 -13.42 0.30 45.84
C SER B 190 -13.35 -0.81 46.87
N VAL B 191 -13.89 -1.99 46.51
CA VAL B 191 -14.01 -3.09 47.45
C VAL B 191 -13.23 -4.30 46.92
N VAL B 192 -12.90 -5.20 47.85
CA VAL B 192 -12.22 -6.46 47.54
C VAL B 192 -12.80 -7.54 48.42
N THR B 193 -12.87 -8.75 47.88
CA THR B 193 -13.31 -9.95 48.59
C THR B 193 -12.09 -10.80 48.94
N VAL B 194 -12.01 -11.23 50.19
CA VAL B 194 -10.82 -11.92 50.69
C VAL B 194 -11.24 -13.05 51.63
N PRO B 195 -10.53 -14.19 51.62
CA PRO B 195 -10.76 -15.22 52.63
C PRO B 195 -10.56 -14.68 54.04
N SER B 196 -11.25 -15.31 55.00
CA SER B 196 -11.21 -14.83 56.38
C SER B 196 -9.82 -14.97 57.00
N SER B 197 -9.06 -15.98 56.59
CA SER B 197 -7.72 -16.17 57.16
C SER B 197 -6.85 -14.94 56.91
N SER B 198 -6.74 -14.52 55.64
CA SER B 198 -6.00 -13.32 55.31
C SER B 198 -6.63 -12.06 55.91
N LEU B 199 -7.81 -12.17 56.52
CA LEU B 199 -8.39 -11.05 57.24
C LEU B 199 -7.85 -10.98 58.66
N GLY B 200 -7.35 -12.09 59.18
CA GLY B 200 -6.85 -12.17 60.54
C GLY B 200 -5.35 -12.10 60.60
N THR B 201 -4.67 -12.46 59.50
CA THR B 201 -3.22 -12.48 59.49
C THR B 201 -2.58 -11.50 58.51
N GLN B 202 -3.34 -10.93 57.57
CA GLN B 202 -2.82 -10.02 56.58
C GLN B 202 -3.54 -8.69 56.67
N THR B 203 -2.79 -7.59 56.71
CA THR B 203 -3.35 -6.25 56.77
C THR B 203 -3.30 -5.64 55.38
N TYR B 204 -4.46 -5.23 54.86
CA TYR B 204 -4.55 -4.62 53.54
C TYR B 204 -4.52 -3.10 53.62
N ILE B 205 -3.76 -2.49 52.72
CA ILE B 205 -3.63 -1.04 52.64
C ILE B 205 -4.01 -0.61 51.23
N CYS B 206 -4.94 0.34 51.14
CA CYS B 206 -5.37 0.90 49.87
C CYS B 206 -4.69 2.24 49.63
N ASN B 207 -4.25 2.46 48.40
CA ASN B 207 -3.54 3.67 48.01
C ASN B 207 -4.43 4.46 47.05
N VAL B 208 -4.75 5.70 47.41
CA VAL B 208 -5.58 6.58 46.60
C VAL B 208 -4.73 7.73 46.10
N ASN B 209 -4.72 7.92 44.78
CA ASN B 209 -3.95 8.97 44.12
C ASN B 209 -4.91 9.83 43.30
N HIS B 210 -4.92 11.13 43.59
CA HIS B 210 -5.71 12.11 42.88
C HIS B 210 -4.74 13.11 42.26
N LYS B 211 -4.57 13.03 40.94
CA LYS B 211 -3.58 13.85 40.24
C LYS B 211 -4.01 15.32 40.14
N PRO B 212 -5.26 15.65 39.80
CA PRO B 212 -5.64 17.06 39.77
C PRO B 212 -5.47 17.77 41.11
N SER B 213 -5.47 17.04 42.22
CA SER B 213 -5.25 17.61 43.54
C SER B 213 -3.94 17.15 44.16
N ASN B 214 -3.04 16.57 43.36
CA ASN B 214 -1.72 16.09 43.77
C ASN B 214 -1.71 15.42 45.13
N THR B 215 -2.73 14.61 45.41
CA THR B 215 -2.90 13.95 46.70
C THR B 215 -2.58 12.46 46.57
N LYS B 216 -1.90 11.92 47.57
CA LYS B 216 -1.60 10.49 47.63
C LYS B 216 -1.72 10.05 49.07
N VAL B 217 -2.69 9.19 49.35
CA VAL B 217 -3.02 8.81 50.72
C VAL B 217 -3.14 7.30 50.83
N ASP B 218 -2.55 6.73 51.87
CA ASP B 218 -2.69 5.31 52.19
C ASP B 218 -3.65 5.13 53.35
N LYS B 219 -4.39 4.03 53.32
CA LYS B 219 -5.36 3.73 54.36
C LYS B 219 -5.36 2.24 54.64
N LYS B 220 -5.20 1.87 55.91
CA LYS B 220 -5.17 0.47 56.31
C LYS B 220 -6.57 0.03 56.73
N VAL B 221 -7.12 -0.96 56.02
CA VAL B 221 -8.45 -1.47 56.33
C VAL B 221 -8.30 -2.64 57.29
N GLU B 222 -8.63 -2.41 58.56
CA GLU B 222 -8.55 -3.41 59.61
C GLU B 222 -9.95 -3.84 60.05
N PRO B 223 -10.09 -5.06 60.56
CA PRO B 223 -11.42 -5.51 61.03
C PRO B 223 -11.93 -4.65 62.17
N LYS B 224 -13.18 -4.21 62.04
CA LYS B 224 -13.80 -3.36 63.04
C LYS B 224 -14.05 -4.12 64.34
N THR C 15 29.80 46.64 -18.04
CA THR C 15 30.46 45.36 -17.88
C THR C 15 29.81 44.53 -16.77
N ASN C 16 28.62 44.96 -16.36
CA ASN C 16 27.89 44.25 -15.32
C ASN C 16 27.51 42.84 -15.78
N LEU C 17 27.26 41.97 -14.80
CA LEU C 17 26.94 40.58 -15.05
C LEU C 17 25.47 40.33 -14.74
N CYS C 18 24.85 39.44 -15.52
CA CYS C 18 23.43 39.17 -15.37
C CYS C 18 23.16 38.47 -14.04
N PRO C 19 22.09 38.85 -13.34
CA PRO C 19 21.80 38.24 -12.03
C PRO C 19 21.26 36.82 -12.15
N PHE C 20 22.04 35.93 -12.78
CA PHE C 20 21.62 34.53 -12.88
C PHE C 20 21.64 33.84 -11.52
N GLY C 21 22.58 34.20 -10.65
CA GLY C 21 22.61 33.61 -9.32
C GLY C 21 21.46 34.01 -8.43
N GLU C 22 20.85 35.17 -8.70
CA GLU C 22 19.71 35.65 -7.93
C GLU C 22 18.44 34.88 -8.22
N VAL C 23 18.39 34.09 -9.29
CA VAL C 23 17.22 33.31 -9.67
C VAL C 23 17.40 31.83 -9.37
N PHE C 24 18.55 31.26 -9.72
CA PHE C 24 18.74 29.83 -9.49
C PHE C 24 19.05 29.52 -8.04
N ASN C 25 19.89 30.34 -7.40
CA ASN C 25 20.22 30.20 -5.98
C ASN C 25 19.32 31.01 -5.06
N ALA C 26 18.08 31.28 -5.49
CA ALA C 26 17.17 32.07 -4.68
C ALA C 26 16.76 31.27 -3.44
N THR C 27 16.32 32.00 -2.41
CA THR C 27 15.96 31.34 -1.16
C THR C 27 14.63 30.63 -1.26
N ARG C 28 13.62 31.27 -1.85
CA ARG C 28 12.30 30.68 -1.95
C ARG C 28 11.70 30.99 -3.32
N PHE C 29 10.93 30.04 -3.84
CA PHE C 29 10.24 30.18 -5.10
C PHE C 29 8.75 30.33 -4.88
N ALA C 30 8.09 31.03 -5.80
CA ALA C 30 6.66 31.25 -5.69
C ALA C 30 5.90 29.98 -6.10
N SER C 31 4.64 29.92 -5.71
CA SER C 31 3.82 28.76 -6.05
C SER C 31 3.53 28.73 -7.54
N VAL C 32 3.27 27.52 -8.06
CA VAL C 32 3.09 27.33 -9.49
C VAL C 32 1.90 28.15 -9.99
N TYR C 33 0.84 28.27 -9.19
CA TYR C 33 -0.35 28.99 -9.62
C TYR C 33 -0.03 30.45 -9.89
N ALA C 34 0.89 31.05 -9.12
CA ALA C 34 1.31 32.43 -9.31
C ALA C 34 2.83 32.43 -9.45
N TRP C 35 3.30 31.96 -10.59
CA TRP C 35 4.73 31.88 -10.85
C TRP C 35 5.38 33.25 -10.87
N ASN C 36 6.63 33.32 -10.42
CA ASN C 36 7.35 34.57 -10.41
C ASN C 36 7.86 34.87 -11.82
N ARG C 37 8.19 36.14 -12.07
CA ARG C 37 8.69 36.54 -13.38
C ARG C 37 9.83 37.52 -13.22
N LYS C 38 10.93 37.28 -13.94
CA LYS C 38 12.13 38.10 -13.86
C LYS C 38 12.53 38.49 -15.27
N ARG C 39 12.71 39.79 -15.51
CA ARG C 39 13.13 40.29 -16.81
C ARG C 39 14.62 40.62 -16.75
N ILE C 40 15.40 40.01 -17.64
CA ILE C 40 16.85 40.22 -17.65
C ILE C 40 17.23 41.00 -18.90
N SER C 41 18.04 42.04 -18.72
CA SER C 41 18.47 42.89 -19.83
C SER C 41 19.64 43.75 -19.36
N ASN C 42 20.24 44.46 -20.31
CA ASN C 42 21.32 45.41 -20.09
C ASN C 42 22.58 44.76 -19.50
N CYS C 43 22.71 43.44 -19.59
CA CYS C 43 23.88 42.75 -19.07
C CYS C 43 24.38 41.75 -20.11
N VAL C 44 25.57 41.20 -19.85
CA VAL C 44 26.16 40.19 -20.72
C VAL C 44 25.81 38.81 -20.17
N ALA C 45 25.32 37.94 -21.03
CA ALA C 45 24.86 36.61 -20.63
C ALA C 45 25.96 35.60 -20.90
N ASP C 46 26.39 34.91 -19.84
CA ASP C 46 27.38 33.84 -19.94
C ASP C 46 26.66 32.53 -19.64
N TYR C 47 26.33 31.78 -20.68
CA TYR C 47 25.56 30.55 -20.54
C TYR C 47 26.43 29.32 -20.30
N SER C 48 27.76 29.46 -20.32
CA SER C 48 28.63 28.32 -20.12
C SER C 48 28.42 27.66 -18.77
N VAL C 49 27.98 28.43 -17.78
CA VAL C 49 27.72 27.87 -16.45
C VAL C 49 26.46 27.02 -16.48
N LEU C 50 25.48 27.37 -17.31
CA LEU C 50 24.19 26.70 -17.30
C LEU C 50 24.29 25.27 -17.83
N TYR C 51 24.69 25.12 -19.10
CA TYR C 51 24.69 23.82 -19.76
C TYR C 51 25.96 23.03 -19.51
N ASN C 52 26.77 23.42 -18.53
CA ASN C 52 27.96 22.65 -18.14
C ASN C 52 28.07 22.53 -16.63
N SER C 53 26.93 22.47 -15.93
CA SER C 53 26.94 22.40 -14.47
C SER C 53 26.76 20.99 -13.93
N ALA C 54 26.16 20.09 -14.71
CA ALA C 54 25.90 18.71 -14.30
C ALA C 54 25.06 18.62 -13.03
N SER C 55 24.34 19.69 -12.67
CA SER C 55 23.49 19.68 -11.50
C SER C 55 22.00 19.70 -11.83
N PHE C 56 21.62 20.20 -13.00
CA PHE C 56 20.22 20.25 -13.40
C PHE C 56 19.79 18.91 -13.98
N SER C 57 18.65 18.40 -13.54
CA SER C 57 18.17 17.10 -14.02
C SER C 57 17.40 17.21 -15.33
N THR C 58 17.19 18.42 -15.85
CA THR C 58 16.46 18.61 -17.10
C THR C 58 16.91 19.93 -17.69
N PHE C 59 17.32 19.91 -18.97
CA PHE C 59 17.75 21.13 -19.66
C PHE C 59 17.21 21.16 -21.09
N LYS C 60 15.96 20.75 -21.29
CA LYS C 60 15.42 20.74 -22.64
C LYS C 60 15.32 22.15 -23.21
N CYS C 61 15.64 22.28 -24.50
CA CYS C 61 15.56 23.55 -25.21
C CYS C 61 14.72 23.35 -26.46
N TYR C 62 13.72 24.20 -26.68
CA TYR C 62 12.86 24.13 -27.85
C TYR C 62 13.17 25.33 -28.73
N GLY C 63 13.54 25.08 -29.98
CA GLY C 63 13.81 26.18 -30.90
C GLY C 63 15.27 26.34 -31.23
N VAL C 64 16.13 26.24 -30.22
CA VAL C 64 17.57 26.32 -30.37
C VAL C 64 18.20 25.14 -29.64
N SER C 65 19.54 25.11 -29.64
CA SER C 65 20.32 24.10 -28.94
C SER C 65 21.29 24.78 -27.97
N PRO C 66 21.58 24.14 -26.83
CA PRO C 66 22.48 24.74 -25.84
C PRO C 66 23.82 25.19 -26.41
N THR C 67 24.34 24.50 -27.44
CA THR C 67 25.59 24.94 -28.05
C THR C 67 25.40 26.23 -28.83
N LYS C 68 24.37 26.29 -29.67
CA LYS C 68 24.14 27.46 -30.50
C LYS C 68 23.45 28.59 -29.73
N LEU C 69 22.87 28.30 -28.57
CA LEU C 69 22.16 29.32 -27.80
C LEU C 69 23.11 30.41 -27.32
N ASN C 70 24.35 30.04 -27.00
CA ASN C 70 25.31 31.02 -26.49
C ASN C 70 25.76 31.98 -27.58
N ASP C 71 25.86 31.51 -28.82
CA ASP C 71 26.36 32.30 -29.93
C ASP C 71 25.25 32.93 -30.76
N LEU C 72 24.11 33.22 -30.13
CA LEU C 72 22.99 33.87 -30.81
C LEU C 72 22.49 35.04 -29.97
N CYS C 73 22.35 36.20 -30.60
CA CYS C 73 21.88 37.39 -29.91
C CYS C 73 20.40 37.27 -29.59
N PHE C 74 20.01 37.81 -28.44
CA PHE C 74 18.62 37.77 -27.97
C PHE C 74 18.16 39.18 -27.66
N THR C 75 16.91 39.49 -28.03
CA THR C 75 16.35 40.81 -27.72
C THR C 75 16.07 40.94 -26.23
N ASN C 76 15.23 40.06 -25.69
CA ASN C 76 14.88 40.08 -24.28
C ASN C 76 14.90 38.65 -23.76
N VAL C 77 14.79 38.51 -22.44
CA VAL C 77 14.78 37.21 -21.80
C VAL C 77 14.00 37.30 -20.50
N TYR C 78 13.15 36.31 -20.27
CA TYR C 78 12.31 36.25 -19.07
C TYR C 78 12.49 34.90 -18.40
N ALA C 79 12.57 34.93 -17.07
CA ALA C 79 12.78 33.75 -16.25
C ALA C 79 11.56 33.57 -15.34
N ASP C 80 10.83 32.48 -15.55
CA ASP C 80 9.67 32.13 -14.73
C ASP C 80 10.02 30.91 -13.90
N SER C 81 10.06 31.08 -12.58
CA SER C 81 10.49 30.03 -11.67
C SER C 81 9.33 29.58 -10.79
N PHE C 82 9.21 28.27 -10.59
CA PHE C 82 8.19 27.73 -9.70
C PHE C 82 8.64 26.34 -9.27
N VAL C 83 7.79 25.67 -8.48
CA VAL C 83 8.04 24.31 -8.01
C VAL C 83 6.81 23.47 -8.28
N ILE C 84 7.02 22.28 -8.85
CA ILE C 84 5.93 21.36 -9.15
C ILE C 84 6.37 19.95 -8.78
N ARG C 85 5.39 19.07 -8.62
CA ARG C 85 5.70 17.68 -8.26
C ARG C 85 6.38 16.98 -9.44
N GLY C 86 7.01 15.85 -9.12
CA GLY C 86 7.84 15.18 -10.11
C GLY C 86 7.06 14.70 -11.32
N ASP C 87 5.84 14.19 -11.09
CA ASP C 87 5.04 13.64 -12.18
C ASP C 87 4.39 14.71 -13.05
N GLU C 88 4.69 15.99 -12.82
CA GLU C 88 4.10 17.07 -13.60
C GLU C 88 5.15 17.88 -14.35
N VAL C 89 6.41 17.45 -14.37
CA VAL C 89 7.43 18.15 -15.13
C VAL C 89 7.34 17.85 -16.62
N ARG C 90 6.73 16.74 -17.00
CA ARG C 90 6.56 16.38 -18.40
C ARG C 90 5.45 17.14 -19.09
N GLN C 91 4.74 18.03 -18.38
CA GLN C 91 3.65 18.80 -18.96
C GLN C 91 4.07 20.22 -19.34
N ILE C 92 5.28 20.65 -18.98
CA ILE C 92 5.76 21.99 -19.33
C ILE C 92 6.41 21.86 -20.69
N ALA C 93 5.58 21.93 -21.74
CA ALA C 93 6.06 21.79 -23.11
C ALA C 93 4.97 22.31 -24.05
N PRO C 94 5.35 22.85 -25.20
CA PRO C 94 4.35 23.36 -26.15
C PRO C 94 3.49 22.23 -26.71
N GLY C 95 2.18 22.34 -26.53
CA GLY C 95 1.23 21.39 -27.04
C GLY C 95 0.68 20.41 -26.01
N GLN C 96 1.32 20.30 -24.86
CA GLN C 96 0.86 19.37 -23.83
C GLN C 96 -0.37 19.92 -23.13
N THR C 97 -1.15 19.01 -22.54
CA THR C 97 -2.36 19.36 -21.81
C THR C 97 -2.31 18.75 -20.43
N GLY C 98 -3.29 19.11 -19.61
CA GLY C 98 -3.40 18.62 -18.25
C GLY C 98 -3.85 19.73 -17.33
N LYS C 99 -3.82 19.45 -16.04
CA LYS C 99 -4.25 20.45 -15.06
C LYS C 99 -3.26 21.62 -15.00
N ILE C 100 -1.96 21.32 -14.99
CA ILE C 100 -0.96 22.38 -14.91
C ILE C 100 -0.85 23.12 -16.24
N ALA C 101 -1.17 22.45 -17.34
CA ALA C 101 -1.00 23.05 -18.66
C ALA C 101 -2.21 23.85 -19.10
N ASP C 102 -3.31 23.80 -18.36
CA ASP C 102 -4.52 24.55 -18.69
C ASP C 102 -4.98 25.48 -17.58
N TYR C 103 -4.65 25.21 -16.32
CA TYR C 103 -5.13 26.02 -15.20
C TYR C 103 -4.02 26.74 -14.45
N ASN C 104 -2.76 26.33 -14.59
CA ASN C 104 -1.66 26.92 -13.86
C ASN C 104 -0.66 27.64 -14.76
N TYR C 105 -0.12 26.95 -15.76
CA TYR C 105 0.90 27.53 -16.63
C TYR C 105 0.71 26.99 -18.04
N LYS C 106 0.37 27.86 -18.97
CA LYS C 106 0.12 27.50 -20.36
C LYS C 106 1.20 28.11 -21.24
N LEU C 107 1.95 27.25 -21.94
CA LEU C 107 2.99 27.68 -22.86
C LEU C 107 2.44 27.76 -24.28
N PRO C 108 2.88 28.74 -25.07
CA PRO C 108 2.39 28.87 -26.44
C PRO C 108 2.87 27.73 -27.33
N ASP C 109 2.30 27.69 -28.53
CA ASP C 109 2.64 26.63 -29.48
C ASP C 109 3.93 26.94 -30.24
N ASP C 110 4.28 28.21 -30.38
CA ASP C 110 5.51 28.64 -31.04
C ASP C 110 6.57 29.06 -30.04
N PHE C 111 6.63 28.36 -28.91
CA PHE C 111 7.57 28.69 -27.85
C PHE C 111 9.00 28.41 -28.29
N THR C 112 9.86 29.41 -28.16
CA THR C 112 11.28 29.30 -28.49
C THR C 112 12.06 29.67 -27.23
N GLY C 113 12.40 28.66 -26.44
CA GLY C 113 13.05 28.88 -25.16
C GLY C 113 13.35 27.56 -24.50
N CYS C 114 13.89 27.63 -23.29
CA CYS C 114 14.39 26.44 -22.62
C CYS C 114 13.78 26.32 -21.24
N VAL C 115 13.74 25.09 -20.73
CA VAL C 115 13.14 24.79 -19.45
C VAL C 115 14.12 23.94 -18.65
N ILE C 116 14.67 24.52 -17.59
CA ILE C 116 15.55 23.82 -16.68
C ILE C 116 14.74 23.28 -15.51
N ALA C 117 15.15 22.14 -14.97
CA ALA C 117 14.45 21.55 -13.85
C ALA C 117 15.41 20.72 -13.03
N TRP C 118 15.28 20.80 -11.71
CA TRP C 118 16.14 20.04 -10.81
C TRP C 118 15.40 19.70 -9.53
N ASN C 119 15.73 18.53 -8.97
CA ASN C 119 15.06 18.07 -7.76
C ASN C 119 15.45 18.94 -6.57
N SER C 120 14.49 19.14 -5.67
CA SER C 120 14.70 19.95 -4.47
C SER C 120 14.08 19.25 -3.26
N ASN C 121 14.31 17.95 -3.14
CA ASN C 121 13.74 17.16 -2.05
C ASN C 121 14.40 17.43 -0.70
N ASN C 122 15.45 18.25 -0.66
CA ASN C 122 16.13 18.56 0.59
C ASN C 122 15.96 20.02 1.03
N LEU C 123 15.33 20.86 0.20
CA LEU C 123 15.12 22.26 0.55
C LEU C 123 13.65 22.68 0.58
N ASP C 124 12.76 21.90 -0.02
CA ASP C 124 11.32 22.20 -0.04
C ASP C 124 10.52 21.03 0.49
N SER C 125 10.98 20.47 1.61
CA SER C 125 10.30 19.33 2.23
C SER C 125 10.45 19.43 3.74
N LYS C 126 9.53 18.77 4.44
CA LYS C 126 9.52 18.78 5.90
C LYS C 126 8.64 17.63 6.38
N VAL C 127 9.09 16.97 7.45
CA VAL C 127 8.30 15.87 8.01
C VAL C 127 6.98 16.42 8.53
N GLY C 128 5.90 15.71 8.21
CA GLY C 128 4.55 16.12 8.55
C GLY C 128 3.80 16.78 7.42
N GLY C 129 4.49 17.22 6.38
CA GLY C 129 3.86 17.85 5.23
C GLY C 129 4.22 19.32 5.14
N ASN C 130 4.43 19.79 3.92
CA ASN C 130 4.75 21.19 3.64
C ASN C 130 3.65 21.74 2.73
N TYR C 131 2.76 22.54 3.29
CA TYR C 131 1.60 23.07 2.57
C TYR C 131 1.76 24.54 2.24
N ASN C 132 2.98 24.96 1.89
CA ASN C 132 3.25 26.35 1.54
C ASN C 132 3.21 26.61 0.04
N TYR C 133 3.19 25.57 -0.78
CA TYR C 133 3.15 25.70 -2.23
C TYR C 133 1.76 25.31 -2.73
N LEU C 134 1.04 26.28 -3.28
CA LEU C 134 -0.33 26.09 -3.74
C LEU C 134 -0.37 25.90 -5.26
N TYR C 135 -1.53 25.45 -5.73
CA TYR C 135 -1.75 25.24 -7.16
C TYR C 135 -3.25 25.22 -7.44
N ARG C 136 -3.61 25.71 -8.62
CA ARG C 136 -5.01 25.78 -9.01
C ARG C 136 -5.48 24.45 -9.57
N LEU C 137 -6.71 24.08 -9.22
CA LEU C 137 -7.31 22.83 -9.65
C LEU C 137 -8.58 23.00 -10.47
N PHE C 138 -9.45 23.92 -10.09
CA PHE C 138 -10.71 24.15 -10.78
C PHE C 138 -10.71 25.53 -11.43
N ARG C 139 -11.36 25.60 -12.59
CA ARG C 139 -11.49 26.85 -13.34
C ARG C 139 -12.60 26.68 -14.37
N LYS C 140 -12.99 27.80 -14.97
CA LYS C 140 -14.06 27.79 -15.97
C LYS C 140 -13.53 27.47 -17.36
N SER C 141 -12.51 28.21 -17.81
CA SER C 141 -11.92 28.02 -19.13
C SER C 141 -10.43 27.69 -18.98
N ASN C 142 -9.75 27.60 -20.12
CA ASN C 142 -8.33 27.30 -20.15
C ASN C 142 -7.52 28.59 -20.26
N LEU C 143 -6.36 28.61 -19.60
CA LEU C 143 -5.52 29.81 -19.59
C LEU C 143 -4.91 30.03 -20.97
N LYS C 144 -4.75 31.31 -21.31
CA LYS C 144 -4.07 31.69 -22.54
C LYS C 144 -2.56 31.60 -22.33
N PRO C 145 -1.79 31.58 -23.42
CA PRO C 145 -0.33 31.57 -23.29
C PRO C 145 0.17 32.77 -22.50
N PHE C 146 0.90 32.49 -21.42
CA PHE C 146 1.47 33.51 -20.54
C PHE C 146 0.37 34.37 -19.92
N GLU C 147 -0.52 33.70 -19.17
CA GLU C 147 -1.58 34.37 -18.43
C GLU C 147 -1.47 34.02 -16.95
N ARG C 148 -1.63 35.02 -16.10
CA ARG C 148 -1.53 34.85 -14.66
C ARG C 148 -2.89 35.11 -14.02
N ASP C 149 -3.27 34.24 -13.08
CA ASP C 149 -4.54 34.36 -12.38
C ASP C 149 -4.31 34.08 -10.90
N ILE C 150 -4.58 35.07 -10.06
CA ILE C 150 -4.39 34.96 -8.61
C ILE C 150 -5.71 35.11 -7.86
N SER C 151 -6.84 35.05 -8.56
CA SER C 151 -8.14 35.17 -7.90
C SER C 151 -8.42 33.94 -7.04
N THR C 152 -9.17 34.16 -5.97
CA THR C 152 -9.51 33.11 -5.01
C THR C 152 -11.02 32.99 -4.82
N GLU C 153 -11.79 33.29 -5.87
CA GLU C 153 -13.23 33.21 -5.78
C GLU C 153 -13.70 31.76 -5.80
N ILE C 154 -14.88 31.54 -5.23
CA ILE C 154 -15.44 30.19 -5.15
C ILE C 154 -15.89 29.75 -6.54
N TYR C 155 -15.32 28.65 -7.02
CA TYR C 155 -15.69 28.12 -8.32
C TYR C 155 -17.09 27.55 -8.29
N GLN C 156 -17.86 27.81 -9.34
CA GLN C 156 -19.25 27.36 -9.45
C GLN C 156 -19.32 26.23 -10.46
N ALA C 157 -19.71 25.04 -9.99
CA ALA C 157 -19.87 23.88 -10.85
C ALA C 157 -21.31 23.55 -11.18
N GLY C 158 -22.26 23.97 -10.34
CA GLY C 158 -23.66 23.72 -10.56
C GLY C 158 -24.42 24.95 -11.05
N SER C 159 -25.74 24.81 -11.12
CA SER C 159 -26.58 25.89 -11.57
C SER C 159 -26.88 26.91 -10.47
N THR C 160 -26.92 26.47 -9.22
CA THR C 160 -27.25 27.37 -8.13
C THR C 160 -26.06 28.28 -7.83
N PRO C 161 -26.26 29.59 -7.72
CA PRO C 161 -25.17 30.50 -7.36
C PRO C 161 -24.91 30.49 -5.86
N CYS C 162 -23.68 30.12 -5.48
CA CYS C 162 -23.32 30.04 -4.07
C CYS C 162 -23.01 31.39 -3.46
N ASN C 163 -22.77 32.41 -4.29
CA ASN C 163 -22.48 33.79 -3.89
C ASN C 163 -21.50 33.87 -2.72
N GLY C 164 -20.47 33.03 -2.73
CA GLY C 164 -19.38 33.14 -1.79
C GLY C 164 -19.41 32.20 -0.62
N VAL C 165 -20.26 31.17 -0.64
CA VAL C 165 -20.35 30.20 0.43
C VAL C 165 -20.00 28.83 -0.13
N GLU C 166 -19.17 28.09 0.60
CA GLU C 166 -18.77 26.76 0.15
C GLU C 166 -19.89 25.75 0.41
N GLY C 167 -19.78 24.60 -0.24
CA GLY C 167 -20.78 23.56 -0.11
C GLY C 167 -20.80 22.68 -1.34
N PHE C 168 -21.93 22.03 -1.55
CA PHE C 168 -22.11 21.17 -2.71
C PHE C 168 -22.06 22.00 -4.00
N ASN C 169 -21.39 21.46 -5.01
CA ASN C 169 -21.21 22.07 -6.33
C ASN C 169 -20.48 23.39 -6.29
N CYS C 170 -19.83 23.73 -5.17
CA CYS C 170 -19.05 24.96 -5.04
C CYS C 170 -17.79 24.62 -4.24
N TYR C 171 -16.65 24.62 -4.91
CA TYR C 171 -15.39 24.16 -4.34
C TYR C 171 -14.40 25.32 -4.25
N PHE C 172 -13.22 25.02 -3.69
CA PHE C 172 -12.15 25.99 -3.61
C PHE C 172 -11.13 25.68 -4.69
N PRO C 173 -10.80 26.62 -5.57
CA PRO C 173 -9.95 26.30 -6.72
C PRO C 173 -8.46 26.27 -6.42
N LEU C 174 -8.07 26.23 -5.15
CA LEU C 174 -6.66 26.22 -4.77
C LEU C 174 -6.40 25.09 -3.79
N GLN C 175 -5.54 24.15 -4.18
CA GLN C 175 -5.09 23.05 -3.34
C GLN C 175 -3.57 23.14 -3.17
N SER C 176 -3.00 22.14 -2.51
CA SER C 176 -1.56 22.13 -2.28
C SER C 176 -1.08 20.70 -2.12
N TYR C 177 0.13 20.43 -2.59
CA TYR C 177 0.73 19.10 -2.49
C TYR C 177 1.23 18.86 -1.07
N GLY C 178 1.11 17.62 -0.62
CA GLY C 178 1.65 17.24 0.67
C GLY C 178 3.08 16.77 0.59
N PHE C 179 4.01 17.70 0.38
CA PHE C 179 5.40 17.34 0.20
C PHE C 179 5.97 16.73 1.47
N GLN C 180 6.55 15.54 1.33
CA GLN C 180 7.16 14.81 2.43
C GLN C 180 8.45 14.16 1.93
N PRO C 181 9.43 13.97 2.81
CA PRO C 181 10.70 13.36 2.40
C PRO C 181 10.64 11.86 2.18
N THR C 182 9.45 11.24 2.24
CA THR C 182 9.30 9.80 2.03
C THR C 182 8.46 9.49 0.81
N ASN C 183 8.30 10.45 -0.11
CA ASN C 183 7.51 10.25 -1.30
C ASN C 183 8.39 9.78 -2.46
N GLY C 184 7.75 9.12 -3.43
CA GLY C 184 8.44 8.67 -4.61
C GLY C 184 8.90 9.82 -5.49
N VAL C 185 9.71 9.48 -6.49
CA VAL C 185 10.26 10.48 -7.39
C VAL C 185 9.16 11.22 -8.15
N GLY C 186 7.98 10.62 -8.28
CA GLY C 186 6.87 11.30 -8.92
C GLY C 186 6.23 12.38 -8.07
N TYR C 187 6.36 12.28 -6.75
CA TYR C 187 5.78 13.26 -5.83
C TYR C 187 6.84 14.14 -5.17
N GLN C 188 8.07 14.12 -5.68
CA GLN C 188 9.10 14.95 -5.07
C GLN C 188 9.07 16.37 -5.66
N PRO C 189 9.30 17.39 -4.84
CA PRO C 189 9.22 18.77 -5.35
C PRO C 189 10.40 19.14 -6.23
N TYR C 190 10.16 19.23 -7.54
CA TYR C 190 11.16 19.68 -8.49
C TYR C 190 10.99 21.17 -8.75
N ARG C 191 12.08 21.91 -8.68
CA ARG C 191 12.09 23.32 -9.04
C ARG C 191 12.33 23.46 -10.54
N VAL C 192 11.48 24.26 -11.19
CA VAL C 192 11.49 24.45 -12.63
C VAL C 192 11.69 25.93 -12.92
N VAL C 193 12.53 26.23 -13.91
CA VAL C 193 12.80 27.58 -14.35
C VAL C 193 12.73 27.61 -15.87
N VAL C 194 11.77 28.37 -16.40
CA VAL C 194 11.59 28.51 -17.84
C VAL C 194 12.22 29.83 -18.27
N LEU C 195 13.20 29.75 -19.17
CA LEU C 195 13.85 30.91 -19.75
C LEU C 195 13.31 31.09 -21.18
N SER C 196 12.50 32.12 -21.36
CA SER C 196 11.90 32.42 -22.66
C SER C 196 12.61 33.60 -23.30
N PHE C 197 12.82 33.51 -24.60
CA PHE C 197 13.52 34.54 -25.39
C PHE C 197 12.50 35.17 -26.34
N GLU C 198 11.97 36.32 -25.95
CA GLU C 198 11.01 37.06 -26.77
C GLU C 198 11.79 37.92 -27.75
N LEU C 199 11.92 37.45 -28.99
CA LEU C 199 12.68 38.16 -30.01
C LEU C 199 11.83 39.29 -30.58
N LEU C 200 12.30 40.52 -30.42
CA LEU C 200 11.62 41.69 -30.94
C LEU C 200 12.59 42.54 -31.78
N HIS C 201 12.15 43.73 -32.19
CA HIS C 201 12.99 44.63 -32.97
C HIS C 201 13.79 45.49 -32.00
N ALA C 202 15.05 45.11 -31.79
CA ALA C 202 15.92 45.78 -30.84
C ALA C 202 17.35 45.62 -31.30
N PRO C 203 18.29 46.42 -30.79
CA PRO C 203 19.69 46.29 -31.20
C PRO C 203 20.41 45.16 -30.48
N ALA C 204 19.67 44.26 -29.84
CA ALA C 204 20.21 43.09 -29.14
C ALA C 204 21.20 43.52 -28.05
N THR C 205 20.64 44.19 -27.05
CA THR C 205 21.45 44.72 -25.96
C THR C 205 22.17 43.61 -25.19
N VAL C 206 21.60 42.41 -25.16
CA VAL C 206 22.15 41.29 -24.40
C VAL C 206 22.56 40.20 -25.38
N CYS C 207 23.86 39.90 -25.41
CA CYS C 207 24.39 38.84 -26.26
C CYS C 207 25.57 38.20 -25.53
N GLY C 208 25.94 37.01 -26.00
CA GLY C 208 27.06 36.29 -25.44
C GLY C 208 28.38 36.68 -26.08
N PRO C 209 29.49 36.28 -25.44
CA PRO C 209 30.84 36.58 -25.94
C PRO C 209 31.13 35.92 -27.29
N SER D 2 7.85 -1.90 -10.19
CA SER D 2 6.73 -2.73 -10.60
C SER D 2 7.06 -3.49 -11.89
N VAL D 3 6.07 -4.20 -12.42
CA VAL D 3 6.22 -4.98 -13.64
C VAL D 3 4.90 -4.94 -14.39
N LEU D 4 4.97 -5.21 -15.70
CA LEU D 4 3.80 -5.24 -16.57
C LEU D 4 3.46 -6.68 -16.90
N THR D 5 2.20 -7.06 -16.68
CA THR D 5 1.74 -8.42 -16.92
C THR D 5 1.32 -8.60 -18.38
N GLN D 6 1.60 -9.78 -18.92
CA GLN D 6 1.26 -10.14 -20.29
C GLN D 6 0.87 -11.60 -20.34
N PRO D 7 0.06 -12.00 -21.32
CA PRO D 7 -0.25 -13.42 -21.49
C PRO D 7 0.99 -14.19 -21.93
N PRO D 8 1.19 -15.40 -21.41
CA PRO D 8 2.44 -16.12 -21.72
C PRO D 8 2.53 -16.62 -23.14
N SER D 9 1.41 -16.81 -23.84
CA SER D 9 1.45 -17.32 -25.20
C SER D 9 0.10 -17.08 -25.87
N VAL D 10 0.14 -16.65 -27.13
CA VAL D 10 -1.05 -16.52 -27.96
C VAL D 10 -0.71 -17.02 -29.36
N SER D 11 -1.66 -17.72 -29.98
CA SER D 11 -1.43 -18.33 -31.29
C SER D 11 -2.67 -18.07 -32.15
N GLY D 12 -2.71 -18.73 -33.30
CA GLY D 12 -3.83 -18.57 -34.21
C GLY D 12 -3.49 -19.12 -35.58
N ALA D 13 -4.37 -18.81 -36.53
CA ALA D 13 -4.25 -19.24 -37.91
C ALA D 13 -3.95 -18.05 -38.81
N PRO D 14 -3.34 -18.28 -39.98
CA PRO D 14 -3.10 -17.18 -40.91
C PRO D 14 -4.41 -16.54 -41.36
N GLY D 15 -4.40 -15.20 -41.41
CA GLY D 15 -5.59 -14.44 -41.73
C GLY D 15 -6.60 -14.39 -40.61
N GLN D 16 -6.14 -14.09 -39.40
CA GLN D 16 -7.00 -14.02 -38.23
C GLN D 16 -6.46 -12.94 -37.29
N ARG D 17 -7.37 -12.27 -36.60
CA ARG D 17 -7.01 -11.16 -35.72
C ARG D 17 -6.68 -11.69 -34.33
N VAL D 18 -5.49 -11.30 -33.84
CA VAL D 18 -5.05 -11.66 -32.51
C VAL D 18 -4.72 -10.38 -31.75
N THR D 19 -4.75 -10.47 -30.42
CA THR D 19 -4.55 -9.32 -29.56
C THR D 19 -3.77 -9.72 -28.31
N ILE D 20 -2.88 -8.83 -27.88
CA ILE D 20 -2.12 -8.98 -26.65
C ILE D 20 -2.42 -7.80 -25.76
N SER D 21 -2.53 -8.05 -24.46
CA SER D 21 -2.91 -7.03 -23.48
C SER D 21 -1.79 -6.83 -22.48
N CYS D 22 -1.36 -5.59 -22.31
CA CYS D 22 -0.34 -5.21 -21.34
C CYS D 22 -1.02 -4.37 -20.26
N THR D 23 -1.16 -4.93 -19.07
CA THR D 23 -1.83 -4.27 -17.96
C THR D 23 -0.80 -3.69 -17.01
N GLY D 24 -0.96 -2.41 -16.67
CA GLY D 24 -0.05 -1.75 -15.75
C GLY D 24 -0.66 -1.49 -14.39
N SER D 25 -0.43 -0.31 -13.84
CA SER D 25 -0.95 0.07 -12.54
C SER D 25 -1.20 1.57 -12.53
N SER D 26 -1.39 2.13 -11.34
CA SER D 26 -1.62 3.56 -11.20
C SER D 26 -0.36 4.39 -11.40
N SER D 27 0.81 3.76 -11.45
CA SER D 27 2.07 4.44 -11.66
C SER D 27 2.61 4.28 -13.07
N ASN D 28 2.61 3.04 -13.59
CA ASN D 28 3.11 2.80 -14.94
C ASN D 28 2.24 3.50 -15.97
N ILE D 29 0.96 3.13 -16.05
CA ILE D 29 0.04 3.72 -17.03
C ILE D 29 -1.00 4.63 -16.38
N GLY D 30 -1.15 4.59 -15.05
CA GLY D 30 -2.11 5.47 -14.41
C GLY D 30 -1.80 6.94 -14.62
N ALA D 31 -0.52 7.29 -14.69
CA ALA D 31 -0.11 8.66 -14.97
C ALA D 31 -0.15 8.90 -16.48
N GLY D 32 0.41 10.02 -16.93
CA GLY D 32 0.42 10.33 -18.33
C GLY D 32 1.61 9.75 -19.07
N TYR D 33 2.00 8.54 -18.70
CA TYR D 33 3.15 7.87 -19.31
C TYR D 33 2.68 6.96 -20.44
N ASP D 34 3.30 7.10 -21.60
CA ASP D 34 2.96 6.27 -22.75
C ASP D 34 3.58 4.87 -22.60
N VAL D 35 3.21 3.98 -23.52
CA VAL D 35 3.70 2.61 -23.51
C VAL D 35 4.11 2.23 -24.93
N HIS D 36 5.29 1.67 -25.07
CA HIS D 36 5.83 1.25 -26.36
C HIS D 36 5.85 -0.27 -26.47
N TRP D 37 5.84 -0.75 -27.71
CA TRP D 37 5.80 -2.18 -28.00
C TRP D 37 7.01 -2.55 -28.86
N TYR D 38 7.80 -3.51 -28.38
CA TYR D 38 8.98 -3.99 -29.08
C TYR D 38 8.77 -5.44 -29.53
N GLN D 39 9.35 -5.76 -30.68
CA GLN D 39 9.28 -7.10 -31.26
C GLN D 39 10.69 -7.64 -31.42
N GLN D 40 10.92 -8.85 -30.90
CA GLN D 40 12.22 -9.49 -30.94
C GLN D 40 12.12 -10.80 -31.72
N LEU D 41 12.87 -10.90 -32.81
CA LEU D 41 12.93 -12.11 -33.60
C LEU D 41 13.88 -13.12 -32.93
N PRO D 42 13.71 -14.42 -33.21
CA PRO D 42 14.60 -15.41 -32.60
C PRO D 42 16.04 -15.27 -33.06
N GLY D 43 16.93 -14.90 -32.14
CA GLY D 43 18.34 -14.77 -32.45
C GLY D 43 18.77 -13.39 -32.91
N THR D 44 17.90 -12.39 -32.84
CA THR D 44 18.22 -11.04 -33.29
C THR D 44 17.93 -10.07 -32.15
N ALA D 45 18.35 -8.82 -32.33
CA ALA D 45 18.15 -7.77 -31.34
C ALA D 45 16.72 -7.26 -31.39
N PRO D 46 16.17 -6.80 -30.26
CA PRO D 46 14.79 -6.30 -30.25
C PRO D 46 14.62 -5.10 -31.18
N LYS D 47 13.49 -5.08 -31.86
CA LYS D 47 13.16 -4.01 -32.81
C LYS D 47 11.98 -3.20 -32.30
N LEU D 48 12.04 -1.88 -32.51
CA LEU D 48 10.97 -0.98 -32.10
C LEU D 48 9.79 -1.15 -33.07
N LEU D 49 8.68 -1.66 -32.56
CA LEU D 49 7.49 -1.92 -33.38
C LEU D 49 6.48 -0.79 -33.30
N ILE D 50 6.16 -0.32 -32.10
CA ILE D 50 5.16 0.73 -31.90
C ILE D 50 5.68 1.69 -30.85
N TYR D 51 5.67 2.99 -31.15
CA TYR D 51 6.08 4.02 -30.21
C TYR D 51 4.93 4.98 -29.96
N GLY D 52 4.86 5.47 -28.72
CA GLY D 52 3.81 6.40 -28.35
C GLY D 52 2.43 5.80 -28.19
N ASN D 53 2.31 4.48 -28.28
CA ASN D 53 1.10 3.68 -28.06
C ASN D 53 0.02 3.96 -29.10
N SER D 54 0.24 4.90 -30.02
CA SER D 54 -0.70 5.16 -31.11
C SER D 54 -0.05 5.34 -32.47
N ASN D 55 1.24 5.68 -32.54
CA ASN D 55 1.90 5.94 -33.80
C ASN D 55 2.60 4.66 -34.29
N ARG D 56 3.32 4.77 -35.40
CA ARG D 56 4.00 3.64 -35.99
C ARG D 56 5.21 4.10 -36.80
N PRO D 57 6.41 3.59 -36.50
CA PRO D 57 7.59 4.00 -37.24
C PRO D 57 7.59 3.43 -38.66
N SER D 58 8.53 3.91 -39.46
CA SER D 58 8.65 3.45 -40.83
C SER D 58 9.15 2.01 -40.88
N GLY D 59 8.64 1.25 -41.84
CA GLY D 59 9.01 -0.14 -42.00
C GLY D 59 7.96 -1.10 -41.48
N VAL D 60 7.32 -0.74 -40.37
CA VAL D 60 6.27 -1.59 -39.80
C VAL D 60 5.04 -1.56 -40.71
N PRO D 61 4.47 -2.71 -41.07
CA PRO D 61 3.31 -2.71 -41.97
C PRO D 61 2.05 -2.15 -41.29
N ASP D 62 0.94 -2.14 -42.02
CA ASP D 62 -0.30 -1.56 -41.53
C ASP D 62 -1.06 -2.52 -40.61
N ARG D 63 -0.61 -3.77 -40.50
CA ARG D 63 -1.36 -4.75 -39.71
C ARG D 63 -1.27 -4.45 -38.22
N PHE D 64 -0.08 -4.10 -37.74
CA PHE D 64 0.11 -3.88 -36.31
C PHE D 64 -0.58 -2.58 -35.88
N SER D 65 -1.41 -2.67 -34.85
CA SER D 65 -2.08 -1.51 -34.29
C SER D 65 -1.97 -1.58 -32.76
N GLY D 66 -2.14 -0.43 -32.12
CA GLY D 66 -2.08 -0.35 -30.68
C GLY D 66 -3.02 0.70 -30.14
N SER D 67 -3.53 0.46 -28.94
CA SER D 67 -4.45 1.40 -28.31
C SER D 67 -4.44 1.20 -26.81
N LYS D 68 -4.41 2.31 -26.07
CA LYS D 68 -4.41 2.27 -24.62
C LYS D 68 -5.71 2.85 -24.07
N SER D 69 -6.04 2.46 -22.85
CA SER D 69 -7.25 2.94 -22.19
C SER D 69 -7.13 2.65 -20.69
N GLY D 70 -7.57 3.59 -19.87
CA GLY D 70 -7.50 3.44 -18.44
C GLY D 70 -6.08 3.23 -17.95
N THR D 71 -5.78 2.01 -17.52
CA THR D 71 -4.44 1.62 -17.09
C THR D 71 -4.01 0.34 -17.80
N SER D 72 -4.37 0.20 -19.06
CA SER D 72 -4.00 -0.99 -19.82
C SER D 72 -3.96 -0.69 -21.30
N ALA D 73 -2.97 -1.25 -21.99
CA ALA D 73 -2.81 -1.10 -23.42
C ALA D 73 -3.02 -2.43 -24.11
N SER D 74 -3.24 -2.36 -25.43
CA SER D 74 -3.52 -3.57 -26.21
C SER D 74 -2.92 -3.41 -27.61
N LEU D 75 -2.20 -4.43 -28.04
CA LEU D 75 -1.67 -4.53 -29.40
C LEU D 75 -2.52 -5.53 -30.18
N ALA D 76 -2.74 -5.24 -31.45
CA ALA D 76 -3.60 -6.05 -32.30
C ALA D 76 -2.92 -6.30 -33.64
N ILE D 77 -2.93 -7.55 -34.08
CA ILE D 77 -2.37 -7.96 -35.36
C ILE D 77 -3.47 -8.65 -36.15
N THR D 78 -3.85 -8.06 -37.28
CA THR D 78 -4.90 -8.58 -38.13
C THR D 78 -4.28 -9.19 -39.39
N GLY D 79 -4.63 -10.44 -39.68
CA GLY D 79 -4.09 -11.10 -40.85
C GLY D 79 -2.68 -11.59 -40.65
N LEU D 80 -2.49 -12.54 -39.72
CA LEU D 80 -1.16 -13.04 -39.42
C LEU D 80 -0.51 -13.65 -40.66
N GLN D 81 0.82 -13.60 -40.68
CA GLN D 81 1.62 -14.16 -41.77
C GLN D 81 2.66 -15.10 -41.19
N ALA D 82 3.52 -15.63 -42.06
CA ALA D 82 4.59 -16.53 -41.64
C ALA D 82 5.81 -15.78 -41.10
N GLU D 83 5.77 -14.45 -41.08
CA GLU D 83 6.87 -13.63 -40.58
C GLU D 83 6.61 -13.04 -39.21
N ASP D 84 5.52 -13.44 -38.55
CA ASP D 84 5.12 -12.83 -37.28
C ASP D 84 5.12 -13.85 -36.13
N GLU D 85 6.14 -14.71 -36.09
CA GLU D 85 6.35 -15.59 -34.95
C GLU D 85 7.60 -15.12 -34.22
N ALA D 86 7.40 -14.45 -33.09
CA ALA D 86 8.49 -13.77 -32.39
C ALA D 86 8.05 -13.51 -30.95
N ASP D 87 8.81 -12.68 -30.25
CA ASP D 87 8.48 -12.25 -28.90
C ASP D 87 8.05 -10.79 -28.93
N TYR D 88 7.11 -10.44 -28.07
CA TYR D 88 6.58 -9.09 -28.01
C TYR D 88 6.60 -8.61 -26.56
N TYR D 89 7.12 -7.40 -26.36
CA TYR D 89 7.27 -6.81 -25.03
C TYR D 89 6.65 -5.43 -25.01
N CYS D 90 6.13 -5.05 -23.85
CA CYS D 90 5.61 -3.70 -23.62
C CYS D 90 6.47 -3.00 -22.58
N GLN D 91 6.70 -1.71 -22.79
CA GLN D 91 7.60 -0.92 -21.95
C GLN D 91 6.96 0.41 -21.59
N SER D 92 7.13 0.81 -20.34
CA SER D 92 6.65 2.10 -19.86
C SER D 92 7.47 2.51 -18.65
N TYR D 93 7.36 3.77 -18.28
CA TYR D 93 8.11 4.29 -17.14
C TYR D 93 7.30 4.13 -15.85
N ASP D 94 8.00 4.22 -14.73
CA ASP D 94 7.40 4.13 -13.41
C ASP D 94 7.99 5.22 -12.52
N SER D 95 7.14 5.79 -11.67
CA SER D 95 7.53 6.86 -10.76
C SER D 95 7.18 6.42 -9.34
N SER D 96 8.10 5.70 -8.70
CA SER D 96 7.91 5.22 -7.34
C SER D 96 9.28 4.89 -6.76
N LEU D 97 9.62 5.49 -5.62
CA LEU D 97 10.91 5.31 -4.95
C LEU D 97 12.06 5.32 -5.96
N SER D 98 12.19 6.46 -6.63
CA SER D 98 13.12 6.63 -7.75
C SER D 98 12.90 5.55 -8.81
N GLY D 99 11.70 5.59 -9.39
CA GLY D 99 11.30 4.58 -10.35
C GLY D 99 12.24 4.51 -11.55
N SER D 100 12.11 3.40 -12.27
CA SER D 100 12.96 3.12 -13.42
C SER D 100 12.11 2.53 -14.53
N TYR D 101 12.71 2.43 -15.72
CA TYR D 101 12.02 1.83 -16.86
C TYR D 101 11.70 0.36 -16.56
N VAL D 102 10.44 -0.01 -16.80
CA VAL D 102 9.99 -1.39 -16.60
C VAL D 102 9.56 -1.97 -17.94
N PHE D 103 9.74 -3.28 -18.08
CA PHE D 103 9.38 -4.00 -19.28
C PHE D 103 8.29 -5.03 -18.98
N GLY D 104 7.70 -5.56 -20.04
CA GLY D 104 6.67 -6.57 -19.89
C GLY D 104 7.25 -7.97 -19.73
N THR D 105 6.36 -8.91 -19.38
CA THR D 105 6.79 -10.30 -19.23
C THR D 105 7.20 -10.90 -20.56
N GLY D 106 6.49 -10.57 -21.63
CA GLY D 106 6.81 -11.08 -22.95
C GLY D 106 5.77 -12.08 -23.42
N THR D 107 5.37 -11.95 -24.68
CA THR D 107 4.39 -12.83 -25.30
C THR D 107 4.99 -13.47 -26.55
N LYS D 108 4.91 -14.79 -26.63
CA LYS D 108 5.49 -15.55 -27.73
C LYS D 108 4.39 -15.81 -28.75
N VAL D 109 4.39 -15.04 -29.84
CA VAL D 109 3.39 -15.19 -30.89
C VAL D 109 3.91 -16.17 -31.93
N THR D 110 3.17 -17.26 -32.13
CA THR D 110 3.52 -18.30 -33.09
C THR D 110 2.30 -18.62 -33.95
N VAL D 111 2.50 -18.68 -35.26
CA VAL D 111 1.42 -18.98 -36.19
C VAL D 111 1.32 -20.50 -36.33
N LEU D 112 0.09 -21.02 -36.21
CA LEU D 112 -0.16 -22.46 -36.30
C LEU D 112 -0.23 -22.86 -37.77
N GLY D 113 0.94 -23.10 -38.35
CA GLY D 113 0.99 -23.56 -39.73
C GLY D 113 0.62 -25.02 -39.88
N GLN D 114 0.94 -25.84 -38.88
CA GLN D 114 0.61 -27.26 -38.88
C GLN D 114 -0.19 -27.61 -37.63
N PRO D 115 -1.11 -28.56 -37.72
CA PRO D 115 -1.92 -28.92 -36.55
C PRO D 115 -1.12 -29.69 -35.50
N LYS D 116 -1.77 -30.07 -34.41
CA LYS D 116 -1.10 -30.80 -33.34
C LYS D 116 -0.77 -32.22 -33.80
N ALA D 117 0.08 -32.88 -33.03
CA ALA D 117 0.51 -34.24 -33.34
C ALA D 117 0.76 -34.98 -32.03
N ALA D 118 1.26 -36.21 -32.13
CA ALA D 118 1.56 -37.04 -30.98
C ALA D 118 3.05 -37.26 -30.87
N PRO D 119 3.65 -36.96 -29.72
CA PRO D 119 5.11 -37.10 -29.59
C PRO D 119 5.52 -38.50 -29.15
N SER D 120 6.75 -38.85 -29.54
CA SER D 120 7.36 -40.13 -29.16
C SER D 120 8.33 -39.89 -28.01
N VAL D 121 8.25 -40.73 -26.99
CA VAL D 121 9.04 -40.57 -25.78
C VAL D 121 9.80 -41.86 -25.49
N THR D 122 10.94 -41.71 -24.82
CA THR D 122 11.77 -42.87 -24.47
C THR D 122 12.66 -42.50 -23.28
N LEU D 123 12.71 -43.39 -22.30
CA LEU D 123 13.56 -43.20 -21.12
C LEU D 123 14.76 -44.13 -21.20
N PHE D 124 15.95 -43.57 -20.99
CA PHE D 124 17.17 -44.33 -20.85
C PHE D 124 17.72 -44.21 -19.43
N PRO D 125 18.02 -45.33 -18.79
CA PRO D 125 18.55 -45.30 -17.43
C PRO D 125 20.06 -45.22 -17.44
N PRO D 126 20.69 -45.04 -16.28
CA PRO D 126 22.17 -45.01 -16.23
C PRO D 126 22.76 -46.36 -16.62
N SER D 127 23.86 -46.31 -17.36
CA SER D 127 24.57 -47.51 -17.76
C SER D 127 25.46 -48.02 -16.62
N SER D 128 25.99 -49.23 -16.81
CA SER D 128 26.84 -49.82 -15.79
C SER D 128 28.15 -49.05 -15.62
N GLU D 129 28.70 -48.54 -16.72
CA GLU D 129 29.92 -47.75 -16.62
C GLU D 129 29.71 -46.50 -15.78
N GLU D 130 28.56 -45.84 -15.96
CA GLU D 130 28.24 -44.71 -15.10
C GLU D 130 27.77 -45.18 -13.72
N LEU D 131 27.11 -46.34 -13.65
CA LEU D 131 26.72 -46.85 -12.33
C LEU D 131 27.94 -47.02 -11.46
N GLN D 132 29.01 -47.59 -12.01
CA GLN D 132 30.27 -47.74 -11.31
C GLN D 132 31.05 -46.43 -11.23
N ALA D 133 30.66 -45.42 -12.00
CA ALA D 133 31.35 -44.14 -12.01
C ALA D 133 30.83 -43.17 -10.95
N ASN D 134 30.11 -43.68 -9.94
CA ASN D 134 29.55 -42.87 -8.85
C ASN D 134 28.66 -41.74 -9.37
N LYS D 135 27.94 -41.98 -10.45
CA LYS D 135 27.04 -40.99 -11.02
C LYS D 135 25.87 -41.70 -11.67
N ALA D 136 24.68 -41.09 -11.61
CA ALA D 136 23.51 -41.69 -12.22
C ALA D 136 22.63 -40.61 -12.82
N THR D 137 22.06 -40.89 -13.98
CA THR D 137 21.13 -39.95 -14.60
C THR D 137 20.12 -40.72 -15.47
N LEU D 138 18.85 -40.42 -15.27
CA LEU D 138 17.79 -40.88 -16.15
C LEU D 138 17.46 -39.80 -17.16
N VAL D 139 17.28 -40.19 -18.42
CA VAL D 139 16.94 -39.25 -19.48
C VAL D 139 15.60 -39.66 -20.08
N CYS D 140 14.66 -38.71 -20.13
CA CYS D 140 13.37 -38.89 -20.78
C CYS D 140 13.34 -37.97 -21.99
N LEU D 141 13.45 -38.55 -23.18
CA LEU D 141 13.53 -37.79 -24.43
C LEU D 141 12.19 -37.83 -25.13
N ILE D 142 11.79 -36.69 -25.70
CA ILE D 142 10.53 -36.53 -26.40
C ILE D 142 10.82 -35.88 -27.76
N SER D 143 10.13 -36.35 -28.79
CA SER D 143 10.32 -35.81 -30.13
C SER D 143 8.99 -35.73 -30.86
N ASP D 144 8.96 -34.87 -31.89
CA ASP D 144 7.81 -34.75 -32.79
C ASP D 144 6.55 -34.31 -32.05
N PHE D 145 6.62 -33.12 -31.46
CA PHE D 145 5.48 -32.50 -30.83
C PHE D 145 5.31 -31.08 -31.36
N TYR D 146 4.06 -30.60 -31.32
CA TYR D 146 3.73 -29.27 -31.82
C TYR D 146 2.45 -28.78 -31.17
N PRO D 147 2.42 -27.54 -30.65
CA PRO D 147 3.54 -26.60 -30.64
C PRO D 147 4.53 -26.84 -29.49
N GLY D 148 5.36 -25.85 -29.21
CA GLY D 148 6.38 -25.97 -28.18
C GLY D 148 5.85 -25.68 -26.78
N ALA D 149 5.08 -26.62 -26.22
CA ALA D 149 4.57 -26.47 -24.86
C ALA D 149 4.46 -27.88 -24.27
N VAL D 150 5.49 -28.29 -23.54
CA VAL D 150 5.60 -29.63 -23.00
C VAL D 150 6.18 -29.56 -21.59
N THR D 151 5.61 -30.35 -20.67
CA THR D 151 6.17 -30.48 -19.34
C THR D 151 6.48 -31.95 -19.05
N VAL D 152 7.48 -32.18 -18.20
CA VAL D 152 7.92 -33.52 -17.84
C VAL D 152 8.09 -33.58 -16.33
N ALA D 153 7.54 -34.63 -15.72
CA ALA D 153 7.63 -34.82 -14.28
C ALA D 153 8.16 -36.21 -13.97
N TRP D 154 9.06 -36.28 -13.00
CA TRP D 154 9.65 -37.54 -12.56
C TRP D 154 8.94 -38.05 -11.31
N LYS D 155 8.63 -39.35 -11.29
CA LYS D 155 7.84 -39.93 -10.21
C LYS D 155 8.43 -41.25 -9.79
N ALA D 156 8.67 -41.40 -8.48
CA ALA D 156 8.94 -42.70 -7.88
C ALA D 156 7.62 -43.41 -7.60
N ASP D 157 7.73 -44.65 -7.13
CA ASP D 157 6.65 -45.63 -7.06
C ASP D 157 5.28 -45.02 -6.76
N SER D 158 5.21 -44.10 -5.79
CA SER D 158 3.94 -43.46 -5.47
C SER D 158 4.11 -41.97 -5.19
N SER D 159 5.21 -41.35 -5.60
CA SER D 159 5.43 -39.95 -5.22
C SER D 159 6.18 -39.18 -6.30
N PRO D 160 5.66 -38.03 -6.73
CA PRO D 160 6.43 -37.18 -7.66
C PRO D 160 7.61 -36.53 -6.95
N VAL D 161 8.79 -36.66 -7.54
CA VAL D 161 10.02 -36.14 -6.96
C VAL D 161 10.45 -34.90 -7.72
N LYS D 162 11.14 -34.00 -7.02
CA LYS D 162 11.62 -32.76 -7.61
C LYS D 162 13.11 -32.53 -7.40
N ALA D 163 13.80 -33.43 -6.70
CA ALA D 163 15.23 -33.28 -6.45
C ALA D 163 16.00 -33.77 -7.67
N GLY D 164 16.59 -32.83 -8.41
CA GLY D 164 17.38 -33.17 -9.57
C GLY D 164 16.65 -33.15 -10.89
N VAL D 165 15.53 -32.43 -11.00
CA VAL D 165 14.79 -32.33 -12.25
C VAL D 165 15.41 -31.24 -13.10
N GLU D 166 15.50 -31.48 -14.41
CA GLU D 166 15.78 -30.39 -15.34
C GLU D 166 15.21 -30.75 -16.71
N THR D 167 14.69 -29.73 -17.39
CA THR D 167 14.12 -29.89 -18.73
C THR D 167 14.65 -28.79 -19.64
N THR D 168 15.03 -29.18 -20.86
CA THR D 168 15.59 -28.22 -21.80
C THR D 168 14.48 -27.44 -22.50
N THR D 169 14.84 -26.25 -22.96
CA THR D 169 13.91 -25.44 -23.74
C THR D 169 13.65 -26.12 -25.08
N PRO D 170 12.38 -26.23 -25.50
CA PRO D 170 12.09 -26.90 -26.78
C PRO D 170 12.80 -26.21 -27.94
N SER D 171 13.44 -27.03 -28.79
CA SER D 171 14.15 -26.53 -29.95
C SER D 171 13.56 -27.12 -31.22
N LYS D 172 13.81 -26.45 -32.34
CA LYS D 172 13.25 -26.85 -33.63
C LYS D 172 14.29 -27.59 -34.45
N GLN D 173 13.84 -28.62 -35.17
CA GLN D 173 14.68 -29.37 -36.08
C GLN D 173 14.40 -28.94 -37.52
N SER D 174 14.99 -29.65 -38.48
CA SER D 174 14.81 -29.32 -39.88
C SER D 174 13.45 -29.77 -40.42
N ASN D 175 12.78 -30.69 -39.73
CA ASN D 175 11.47 -31.19 -40.16
C ASN D 175 10.32 -30.38 -39.59
N ASN D 176 10.59 -29.18 -39.07
CA ASN D 176 9.62 -28.25 -38.49
C ASN D 176 9.01 -28.76 -37.19
N LYS D 177 9.36 -29.95 -36.73
CA LYS D 177 8.86 -30.47 -35.47
C LYS D 177 9.86 -30.20 -34.36
N TYR D 178 9.36 -30.20 -33.12
CA TYR D 178 10.16 -29.89 -31.95
C TYR D 178 10.53 -31.15 -31.18
N ALA D 179 11.70 -31.10 -30.53
CA ALA D 179 12.18 -32.19 -29.68
C ALA D 179 12.77 -31.58 -28.41
N ALA D 180 12.89 -32.43 -27.38
CA ALA D 180 13.39 -31.99 -26.10
C ALA D 180 13.81 -33.21 -25.29
N SER D 181 14.48 -32.94 -24.17
CA SER D 181 14.89 -34.01 -23.27
C SER D 181 14.82 -33.50 -21.84
N SER D 182 14.70 -34.43 -20.90
CA SER D 182 14.66 -34.11 -19.47
C SER D 182 15.62 -35.03 -18.73
N TYR D 183 16.35 -34.46 -17.78
CA TYR D 183 17.37 -35.17 -17.03
C TYR D 183 17.01 -35.21 -15.55
N LEU D 184 17.21 -36.39 -14.95
CA LEU D 184 17.13 -36.60 -13.51
C LEU D 184 18.48 -37.13 -13.06
N SER D 185 19.29 -36.26 -12.44
CA SER D 185 20.65 -36.61 -12.03
C SER D 185 20.69 -36.89 -10.53
N LEU D 186 21.03 -38.13 -10.17
CA LEU D 186 21.10 -38.57 -8.78
C LEU D 186 22.28 -39.53 -8.62
N THR D 187 22.56 -39.85 -7.37
CA THR D 187 23.61 -40.81 -7.05
C THR D 187 23.11 -42.24 -7.29
N PRO D 188 24.01 -43.18 -7.60
CA PRO D 188 23.57 -44.54 -7.92
C PRO D 188 22.83 -45.24 -6.80
N GLU D 189 23.22 -44.99 -5.54
CA GLU D 189 22.59 -45.71 -4.43
C GLU D 189 21.13 -45.33 -4.26
N GLN D 190 20.78 -44.08 -4.53
CA GLN D 190 19.38 -43.66 -4.41
C GLN D 190 18.50 -44.37 -5.42
N TRP D 191 19.03 -44.62 -6.63
CA TRP D 191 18.27 -45.32 -7.65
C TRP D 191 18.24 -46.83 -7.37
N LYS D 192 19.34 -47.40 -6.89
CA LYS D 192 19.38 -48.82 -6.63
C LYS D 192 18.59 -49.22 -5.39
N SER D 193 18.30 -48.28 -4.50
CA SER D 193 17.57 -48.56 -3.27
C SER D 193 16.06 -48.53 -3.46
N HIS D 194 15.57 -48.37 -4.69
CA HIS D 194 14.13 -48.33 -4.97
C HIS D 194 13.78 -49.43 -5.97
N ARG D 195 12.49 -49.50 -6.30
CA ARG D 195 11.97 -50.52 -7.21
C ARG D 195 11.83 -50.03 -8.65
N SER D 196 11.26 -48.84 -8.84
CA SER D 196 10.98 -48.34 -10.17
C SER D 196 10.97 -46.82 -10.16
N TYR D 197 11.24 -46.24 -11.32
CA TYR D 197 11.09 -44.81 -11.55
C TYR D 197 10.23 -44.60 -12.79
N SER D 198 9.80 -43.36 -13.01
CA SER D 198 8.99 -43.10 -14.19
C SER D 198 9.11 -41.64 -14.58
N CYS D 199 9.00 -41.39 -15.89
CA CYS D 199 8.87 -40.04 -16.43
C CYS D 199 7.51 -39.92 -17.09
N GLN D 200 6.78 -38.87 -16.74
CA GLN D 200 5.49 -38.57 -17.35
C GLN D 200 5.63 -37.29 -18.16
N VAL D 201 5.12 -37.30 -19.38
CA VAL D 201 5.20 -36.17 -20.29
C VAL D 201 3.79 -35.70 -20.58
N THR D 202 3.61 -34.38 -20.63
CA THR D 202 2.32 -33.76 -20.90
C THR D 202 2.50 -32.71 -21.98
N HIS D 203 1.75 -32.85 -23.07
CA HIS D 203 1.79 -31.93 -24.20
C HIS D 203 0.36 -31.68 -24.66
N GLU D 204 -0.12 -30.44 -24.47
CA GLU D 204 -1.47 -30.01 -24.87
C GLU D 204 -2.54 -30.96 -24.32
N GLY D 205 -2.35 -31.39 -23.07
CA GLY D 205 -3.27 -32.28 -22.40
C GLY D 205 -2.93 -33.75 -22.57
N SER D 206 -2.31 -34.13 -23.68
CA SER D 206 -1.96 -35.52 -23.93
C SER D 206 -0.85 -35.94 -22.97
N THR D 207 -1.11 -36.99 -22.19
CA THR D 207 -0.20 -37.45 -21.15
C THR D 207 0.30 -38.85 -21.50
N VAL D 208 1.62 -39.04 -21.46
CA VAL D 208 2.24 -40.33 -21.73
C VAL D 208 3.16 -40.69 -20.57
N GLU D 209 3.19 -41.97 -20.22
CA GLU D 209 3.98 -42.47 -19.11
C GLU D 209 5.10 -43.35 -19.64
N LYS D 210 6.22 -43.39 -18.92
CA LYS D 210 7.28 -44.35 -19.20
C LYS D 210 7.90 -44.78 -17.87
N THR D 211 7.87 -46.08 -17.59
CA THR D 211 8.38 -46.63 -16.35
C THR D 211 9.65 -47.43 -16.62
N VAL D 212 10.62 -47.30 -15.71
CA VAL D 212 11.91 -47.98 -15.81
C VAL D 212 12.17 -48.72 -14.50
N ALA D 213 12.65 -49.96 -14.63
CA ALA D 213 12.91 -50.83 -13.49
C ALA D 213 14.12 -51.70 -13.82
N PRO D 214 14.93 -52.06 -12.81
CA PRO D 214 16.09 -52.93 -13.01
C PRO D 214 15.71 -54.32 -13.52
N GLU E 1 22.16 2.95 -40.83
CA GLU E 1 23.55 3.32 -40.59
C GLU E 1 23.85 3.31 -39.09
N VAL E 2 22.90 3.82 -38.30
CA VAL E 2 23.06 3.94 -36.86
C VAL E 2 23.32 2.58 -36.24
N GLN E 3 24.54 2.35 -35.75
CA GLN E 3 24.89 1.07 -35.15
C GLN E 3 25.72 1.30 -33.90
N LEU E 4 25.53 0.45 -32.90
CA LEU E 4 26.26 0.48 -31.65
C LEU E 4 26.89 -0.89 -31.41
N VAL E 5 28.20 -0.92 -31.19
CA VAL E 5 28.94 -2.15 -30.98
C VAL E 5 29.56 -2.12 -29.59
N GLU E 6 29.33 -3.17 -28.81
CA GLU E 6 29.80 -3.27 -27.44
C GLU E 6 30.88 -4.34 -27.34
N SER E 7 31.99 -4.00 -26.68
CA SER E 7 33.11 -4.90 -26.49
C SER E 7 33.35 -5.07 -24.98
N GLY E 8 34.45 -5.71 -24.63
CA GLY E 8 34.77 -5.91 -23.23
C GLY E 8 33.96 -7.00 -22.54
N GLY E 9 33.67 -8.09 -23.25
CA GLY E 9 32.89 -9.18 -22.69
C GLY E 9 33.74 -10.42 -22.51
N GLY E 10 33.37 -11.24 -21.54
CA GLY E 10 34.12 -12.43 -21.24
C GLY E 10 33.59 -13.10 -19.99
N LEU E 11 34.39 -14.06 -19.49
CA LEU E 11 34.06 -14.84 -18.31
C LEU E 11 34.92 -14.36 -17.15
N VAL E 12 34.28 -14.00 -16.03
CA VAL E 12 34.98 -13.57 -14.83
C VAL E 12 34.33 -14.22 -13.62
N GLN E 13 35.15 -14.80 -12.75
CA GLN E 13 34.65 -15.43 -11.53
C GLN E 13 33.97 -14.39 -10.65
N PRO E 14 32.88 -14.76 -9.95
CA PRO E 14 32.11 -13.78 -9.19
C PRO E 14 32.98 -13.04 -8.17
N GLY E 15 32.65 -11.77 -7.94
CA GLY E 15 33.40 -10.92 -7.06
C GLY E 15 34.32 -9.95 -7.76
N ARG E 16 34.76 -10.29 -8.98
CA ARG E 16 35.66 -9.42 -9.73
C ARG E 16 34.87 -8.27 -10.36
N SER E 17 35.56 -7.45 -11.14
CA SER E 17 34.97 -6.28 -11.78
C SER E 17 35.21 -6.33 -13.28
N LEU E 18 34.27 -5.76 -14.03
CA LEU E 18 34.35 -5.72 -15.48
C LEU E 18 33.98 -4.33 -15.99
N ARG E 19 34.36 -4.05 -17.23
CA ARG E 19 34.08 -2.77 -17.87
C ARG E 19 33.49 -3.03 -19.26
N LEU E 20 32.23 -2.67 -19.44
CA LEU E 20 31.52 -2.83 -20.70
C LEU E 20 31.44 -1.48 -21.40
N SER E 21 31.98 -1.40 -22.60
CA SER E 21 32.00 -0.19 -23.40
C SER E 21 30.96 -0.23 -24.52
N CYS E 22 30.72 0.94 -25.12
CA CYS E 22 29.76 1.07 -26.22
C CYS E 22 30.05 2.34 -27.01
N ALA E 23 30.36 2.17 -28.29
CA ALA E 23 30.71 3.24 -29.19
C ALA E 23 29.46 3.67 -29.96
N ALA E 24 29.60 4.70 -30.80
CA ALA E 24 28.47 5.17 -31.57
C ALA E 24 28.97 5.94 -32.78
N SER E 25 28.18 5.93 -33.85
CA SER E 25 28.53 6.62 -35.08
C SER E 25 27.27 6.78 -35.92
N GLY E 26 27.34 7.74 -36.85
CA GLY E 26 26.25 7.99 -37.76
C GLY E 26 25.19 8.95 -37.24
N PHE E 27 25.37 9.51 -36.05
CA PHE E 27 24.39 10.42 -35.49
C PHE E 27 25.09 11.30 -34.45
N THR E 28 24.35 12.24 -33.88
CA THR E 28 24.88 13.13 -32.86
C THR E 28 24.81 12.42 -31.51
N PHE E 29 25.93 11.83 -31.09
CA PHE E 29 25.98 11.15 -29.80
C PHE E 29 25.94 12.13 -28.64
N ASP E 30 26.27 13.40 -28.89
CA ASP E 30 26.37 14.38 -27.82
C ASP E 30 25.00 14.67 -27.19
N ASP E 31 23.93 14.53 -27.96
CA ASP E 31 22.59 14.94 -27.52
C ASP E 31 21.80 13.80 -26.89
N TYR E 32 21.61 12.71 -27.61
CA TYR E 32 20.70 11.67 -27.17
C TYR E 32 21.16 11.02 -25.87
N ALA E 33 20.20 10.44 -25.15
CA ALA E 33 20.45 9.74 -23.90
C ALA E 33 20.75 8.28 -24.18
N MET E 34 21.52 7.66 -23.28
CA MET E 34 21.95 6.28 -23.42
C MET E 34 21.45 5.45 -22.25
N HIS E 35 21.13 4.19 -22.53
CA HIS E 35 20.66 3.27 -21.50
C HIS E 35 21.27 1.89 -21.70
N TRP E 36 21.35 1.14 -20.59
CA TRP E 36 21.83 -0.24 -20.61
C TRP E 36 20.65 -1.18 -20.39
N VAL E 37 20.50 -2.18 -21.27
CA VAL E 37 19.42 -3.15 -21.18
C VAL E 37 20.03 -4.55 -21.20
N ARG E 38 19.78 -5.31 -20.14
CA ARG E 38 20.29 -6.68 -20.05
C ARG E 38 19.14 -7.67 -20.17
N GLN E 39 19.44 -8.84 -20.73
CA GLN E 39 18.46 -9.90 -20.92
C GLN E 39 19.08 -11.23 -20.55
N ALA E 40 18.43 -11.95 -19.63
CA ALA E 40 18.92 -13.26 -19.24
C ALA E 40 18.78 -14.24 -20.39
N PRO E 41 19.61 -15.30 -20.40
CA PRO E 41 19.49 -16.30 -21.47
C PRO E 41 18.15 -17.00 -21.47
N GLY E 42 17.36 -16.78 -22.52
CA GLY E 42 16.03 -17.35 -22.61
C GLY E 42 15.07 -16.76 -21.59
N LYS E 43 14.99 -15.44 -21.54
CA LYS E 43 14.12 -14.74 -20.61
C LYS E 43 13.79 -13.37 -21.19
N GLY E 44 13.16 -12.52 -20.37
CA GLY E 44 12.76 -11.20 -20.82
C GLY E 44 13.82 -10.15 -20.61
N LEU E 45 13.57 -8.96 -21.16
CA LEU E 45 14.49 -7.86 -21.05
C LEU E 45 14.48 -7.29 -19.63
N GLU E 46 15.48 -6.45 -19.34
CA GLU E 46 15.60 -5.83 -18.03
C GLU E 46 16.45 -4.58 -18.16
N TRP E 47 16.05 -3.53 -17.43
CA TRP E 47 16.77 -2.27 -17.44
C TRP E 47 17.92 -2.32 -16.43
N VAL E 48 18.98 -1.59 -16.73
CA VAL E 48 20.17 -1.59 -15.88
C VAL E 48 20.44 -0.19 -15.35
N SER E 49 20.71 0.76 -16.25
CA SER E 49 21.03 2.12 -15.86
C SER E 49 20.87 3.03 -17.06
N GLY E 50 21.00 4.33 -16.81
CA GLY E 50 20.83 5.30 -17.88
C GLY E 50 21.37 6.69 -17.59
N ILE E 51 22.02 7.27 -18.61
CA ILE E 51 22.53 8.64 -18.56
C ILE E 51 21.84 9.44 -19.65
N SER E 52 21.83 10.77 -19.48
CA SER E 52 21.09 11.66 -20.39
C SER E 52 21.85 12.98 -20.56
N TRP E 53 22.68 13.04 -21.61
CA TRP E 53 23.22 14.28 -22.14
C TRP E 53 24.23 14.97 -21.21
N ASN E 54 24.38 14.45 -19.99
CA ASN E 54 25.32 15.01 -19.01
C ASN E 54 25.30 14.10 -17.79
N ARG E 55 26.19 14.40 -16.85
CA ARG E 55 26.26 13.67 -15.60
C ARG E 55 25.26 14.18 -14.56
N GLY E 56 24.27 14.96 -14.98
CA GLY E 56 23.30 15.51 -14.06
C GLY E 56 22.20 14.53 -13.72
N SER E 57 21.72 13.80 -14.72
CA SER E 57 20.65 12.83 -14.56
C SER E 57 21.21 11.44 -14.83
N ILE E 58 21.35 10.64 -13.79
CA ILE E 58 21.86 9.28 -13.87
C ILE E 58 20.96 8.39 -13.04
N GLY E 59 20.45 7.32 -13.64
CA GLY E 59 19.56 6.41 -12.96
C GLY E 59 20.10 4.99 -12.97
N TYR E 60 19.79 4.25 -11.90
CA TYR E 60 20.20 2.87 -11.72
C TYR E 60 19.00 2.02 -11.33
N ALA E 61 19.10 0.72 -11.62
CA ALA E 61 18.03 -0.20 -11.23
C ALA E 61 18.01 -0.38 -9.72
N ASP E 62 16.91 -0.92 -9.22
CA ASP E 62 16.74 -1.13 -7.78
C ASP E 62 17.55 -2.29 -7.24
N SER E 63 18.26 -3.04 -8.10
CA SER E 63 19.07 -4.17 -7.65
C SER E 63 20.56 -3.99 -7.88
N VAL E 64 20.97 -3.09 -8.78
CA VAL E 64 22.37 -2.86 -9.08
C VAL E 64 22.74 -1.41 -8.80
N LYS E 65 22.05 -0.80 -7.83
CA LYS E 65 22.27 0.61 -7.54
C LYS E 65 23.68 0.86 -7.01
N GLY E 66 24.08 0.14 -5.96
CA GLY E 66 25.36 0.35 -5.33
C GLY E 66 26.52 -0.41 -5.92
N ARG E 67 26.34 -1.06 -7.07
CA ARG E 67 27.40 -1.86 -7.68
C ARG E 67 27.85 -1.32 -9.02
N PHE E 68 26.93 -1.03 -9.92
CA PHE E 68 27.26 -0.61 -11.28
C PHE E 68 27.46 0.89 -11.33
N THR E 69 28.44 1.34 -12.13
CA THR E 69 28.69 2.76 -12.32
C THR E 69 28.73 3.05 -13.81
N ILE E 70 27.86 3.92 -14.29
CA ILE E 70 27.80 4.25 -15.71
C ILE E 70 28.49 5.59 -15.94
N SER E 71 29.16 5.71 -17.09
CA SER E 71 29.86 6.94 -17.45
C SER E 71 29.82 7.09 -18.96
N ARG E 72 30.34 8.22 -19.44
CA ARG E 72 30.35 8.51 -20.87
C ARG E 72 31.39 9.60 -21.12
N ASP E 73 31.89 9.66 -22.35
CA ASP E 73 32.80 10.71 -22.76
C ASP E 73 32.41 11.20 -24.15
N ASN E 74 31.95 12.44 -24.23
CA ASN E 74 31.46 12.98 -25.49
C ASN E 74 32.58 13.24 -26.50
N ALA E 75 33.84 13.19 -26.07
CA ALA E 75 34.92 13.46 -27.01
C ALA E 75 35.10 12.31 -27.99
N LYS E 76 35.07 11.08 -27.48
CA LYS E 76 35.29 9.89 -28.29
C LYS E 76 33.99 9.24 -28.71
N ASN E 77 32.85 9.81 -28.32
CA ASN E 77 31.53 9.29 -28.65
C ASN E 77 31.38 7.84 -28.18
N SER E 78 31.51 7.67 -26.86
CA SER E 78 31.41 6.34 -26.28
C SER E 78 30.95 6.44 -24.83
N LEU E 79 30.39 5.35 -24.34
CA LEU E 79 29.93 5.22 -22.97
C LEU E 79 30.53 3.97 -22.35
N TYR E 80 30.61 3.97 -21.02
CA TYR E 80 31.25 2.90 -20.27
C TYR E 80 30.33 2.49 -19.11
N LEU E 81 30.55 1.27 -18.63
CA LEU E 81 29.84 0.75 -17.47
C LEU E 81 30.80 -0.13 -16.67
N GLN E 82 31.06 0.27 -15.43
CA GLN E 82 32.02 -0.39 -14.55
C GLN E 82 31.22 -1.19 -13.52
N MET E 83 31.13 -2.50 -13.74
CA MET E 83 30.43 -3.39 -12.85
C MET E 83 31.41 -4.00 -11.85
N SER E 84 30.92 -4.24 -10.64
CA SER E 84 31.74 -4.79 -9.58
C SER E 84 30.87 -5.58 -8.61
N SER E 85 31.50 -6.46 -7.85
CA SER E 85 30.81 -7.33 -6.89
C SER E 85 29.72 -8.14 -7.58
N LEU E 86 30.10 -8.80 -8.67
CA LEU E 86 29.14 -9.57 -9.46
C LEU E 86 28.63 -10.78 -8.68
N ARG E 87 27.45 -11.25 -9.06
CA ARG E 87 26.85 -12.43 -8.44
C ARG E 87 26.51 -13.46 -9.50
N ALA E 88 25.79 -14.51 -9.11
CA ALA E 88 25.41 -15.56 -10.05
C ALA E 88 24.26 -15.18 -10.95
N GLU E 89 23.77 -13.94 -10.86
CA GLU E 89 22.64 -13.49 -11.67
C GLU E 89 23.03 -12.52 -12.78
N ASP E 90 24.27 -12.02 -12.78
CA ASP E 90 24.69 -11.03 -13.75
C ASP E 90 25.00 -11.61 -15.13
N THR E 91 25.03 -12.93 -15.26
CA THR E 91 25.27 -13.55 -16.56
C THR E 91 24.07 -13.32 -17.47
N ALA E 92 24.28 -12.58 -18.56
CA ALA E 92 23.19 -12.19 -19.44
C ALA E 92 23.80 -11.68 -20.75
N LEU E 93 22.95 -11.09 -21.59
CA LEU E 93 23.36 -10.42 -22.81
C LEU E 93 22.96 -8.95 -22.70
N TYR E 94 23.93 -8.06 -22.95
CA TYR E 94 23.78 -6.64 -22.71
C TYR E 94 23.72 -5.87 -24.02
N TYR E 95 22.88 -4.84 -24.05
CA TYR E 95 22.70 -3.95 -25.18
C TYR E 95 22.72 -2.52 -24.70
N CYS E 96 23.37 -1.65 -25.45
CA CYS E 96 23.39 -0.23 -25.13
C CYS E 96 22.45 0.49 -26.08
N ALA E 97 21.31 0.93 -25.56
CA ALA E 97 20.29 1.60 -26.35
C ALA E 97 20.41 3.12 -26.24
N LYS E 98 19.52 3.80 -26.95
CA LYS E 98 19.44 5.25 -26.97
C LYS E 98 17.97 5.66 -26.97
N ASP E 99 17.71 6.88 -26.51
CA ASP E 99 16.36 7.38 -26.44
C ASP E 99 15.91 7.92 -27.80
N GLY E 100 14.62 8.22 -27.91
CA GLY E 100 14.05 8.77 -29.11
C GLY E 100 13.87 10.27 -29.12
N GLU E 101 14.24 10.96 -28.03
CA GLU E 101 14.18 12.40 -27.95
C GLU E 101 15.59 12.96 -27.84
N ARG E 102 15.75 14.20 -28.30
CA ARG E 102 17.09 14.78 -28.38
C ARG E 102 17.67 15.07 -26.99
N TRP E 103 16.85 15.58 -26.08
CA TRP E 103 17.33 15.99 -24.76
C TRP E 103 16.48 15.41 -23.65
N ASP E 104 15.98 14.19 -23.82
CA ASP E 104 15.14 13.57 -22.80
C ASP E 104 15.98 13.14 -21.60
N SER E 105 15.38 13.21 -20.42
CA SER E 105 16.06 12.84 -19.19
C SER E 105 15.90 11.33 -18.95
N VAL E 106 16.36 10.86 -17.78
CA VAL E 106 16.27 9.46 -17.42
C VAL E 106 15.54 9.31 -16.08
N VAL E 107 15.64 10.32 -15.23
CA VAL E 107 15.03 10.25 -13.91
C VAL E 107 13.57 10.66 -13.93
N VAL E 108 13.20 11.68 -14.69
CA VAL E 108 11.80 12.02 -14.89
C VAL E 108 11.62 12.25 -16.40
N PRO E 109 11.69 11.20 -17.21
CA PRO E 109 11.70 11.40 -18.67
C PRO E 109 10.31 11.58 -19.23
N SER E 110 10.25 12.22 -20.39
CA SER E 110 9.04 12.27 -21.21
C SER E 110 9.09 11.07 -22.13
N ALA E 111 8.45 9.97 -21.71
CA ALA E 111 8.60 8.71 -22.41
C ALA E 111 7.87 8.74 -23.74
N ARG E 112 8.56 9.18 -24.79
CA ARG E 112 8.00 9.17 -26.15
C ARG E 112 9.06 8.70 -27.13
N ASN E 113 8.58 8.08 -28.21
CA ASN E 113 9.39 7.57 -29.32
C ASN E 113 10.17 6.30 -28.95
N GLY E 114 10.12 5.91 -27.68
CA GLY E 114 10.77 4.68 -27.27
C GLY E 114 12.27 4.70 -27.51
N MET E 115 12.81 3.52 -27.83
CA MET E 115 14.22 3.32 -28.14
C MET E 115 14.29 2.76 -29.56
N ASP E 116 14.83 3.54 -30.49
CA ASP E 116 14.80 3.15 -31.90
C ASP E 116 15.89 2.14 -32.23
N VAL E 117 17.14 2.46 -31.92
CA VAL E 117 18.29 1.66 -32.34
C VAL E 117 18.81 0.88 -31.15
N TRP E 118 19.04 -0.41 -31.35
CA TRP E 118 19.57 -1.30 -30.33
C TRP E 118 20.91 -1.88 -30.79
N GLY E 119 21.69 -2.34 -29.82
CA GLY E 119 22.98 -2.93 -30.11
C GLY E 119 22.89 -4.41 -30.47
N GLN E 120 24.03 -4.94 -30.91
CA GLN E 120 24.09 -6.35 -31.29
C GLN E 120 24.07 -7.27 -30.08
N GLY E 121 24.63 -6.83 -28.97
CA GLY E 121 24.62 -7.63 -27.75
C GLY E 121 26.02 -8.10 -27.39
N THR E 122 26.28 -8.16 -26.09
CA THR E 122 27.55 -8.64 -25.57
C THR E 122 27.28 -9.58 -24.40
N THR E 123 27.88 -10.76 -24.42
CA THR E 123 27.64 -11.75 -23.39
C THR E 123 28.50 -11.48 -22.17
N VAL E 124 27.91 -11.68 -20.99
CA VAL E 124 28.62 -11.56 -19.72
C VAL E 124 28.26 -12.81 -18.92
N THR E 125 29.20 -13.75 -18.84
CA THR E 125 29.01 -15.01 -18.15
C THR E 125 29.84 -15.02 -16.87
N VAL E 126 29.22 -15.39 -15.76
CA VAL E 126 29.87 -15.44 -14.46
C VAL E 126 29.72 -16.86 -13.92
N SER E 127 30.77 -17.66 -14.08
CA SER E 127 30.78 -19.05 -13.62
C SER E 127 31.92 -19.23 -12.62
N SER E 128 31.59 -19.60 -11.38
CA SER E 128 32.62 -19.79 -10.37
C SER E 128 33.43 -21.05 -10.63
N ALA E 129 32.86 -22.03 -11.31
CA ALA E 129 33.57 -23.27 -11.61
C ALA E 129 34.63 -23.04 -12.69
N SER E 130 35.60 -23.95 -12.74
CA SER E 130 36.68 -23.90 -13.69
C SER E 130 36.40 -24.85 -14.86
N THR E 131 37.15 -24.65 -15.95
CA THR E 131 36.98 -25.48 -17.13
C THR E 131 37.56 -26.87 -16.91
N LYS E 132 36.89 -27.86 -17.50
CA LYS E 132 37.32 -29.25 -17.39
C LYS E 132 36.81 -30.01 -18.60
N GLY E 133 37.15 -31.29 -18.67
CA GLY E 133 36.76 -32.14 -19.78
C GLY E 133 35.43 -32.82 -19.57
N PRO E 134 34.84 -33.30 -20.66
CA PRO E 134 33.53 -33.96 -20.57
C PRO E 134 33.64 -35.45 -20.23
N SER E 135 32.64 -35.92 -19.49
CA SER E 135 32.49 -37.32 -19.17
C SER E 135 31.48 -37.95 -20.13
N VAL E 136 31.83 -39.09 -20.71
CA VAL E 136 31.04 -39.73 -21.74
C VAL E 136 30.54 -41.07 -21.23
N PHE E 137 29.27 -41.38 -21.50
CA PHE E 137 28.65 -42.63 -21.08
C PHE E 137 27.75 -43.17 -22.18
N PRO E 138 27.79 -44.48 -22.43
CA PRO E 138 27.00 -45.03 -23.54
C PRO E 138 25.58 -45.38 -23.12
N LEU E 139 24.59 -44.97 -23.91
CA LEU E 139 23.20 -45.39 -23.74
C LEU E 139 22.94 -46.49 -24.76
N ALA E 140 22.89 -47.74 -24.27
CA ALA E 140 22.76 -48.98 -25.00
C ALA E 140 21.29 -49.40 -25.12
N PRO E 141 20.93 -50.07 -26.21
CA PRO E 141 19.53 -50.50 -26.37
C PRO E 141 19.20 -51.68 -25.48
N SER E 142 17.90 -51.91 -25.32
CA SER E 142 17.39 -53.01 -24.52
C SER E 142 16.08 -53.49 -25.14
N SER E 143 15.41 -54.41 -24.46
CA SER E 143 14.14 -54.92 -24.94
C SER E 143 12.99 -53.94 -24.75
N LYS E 144 13.22 -52.80 -24.10
CA LYS E 144 12.17 -51.82 -23.86
C LYS E 144 12.13 -50.71 -24.89
N SER E 145 13.27 -50.42 -25.54
CA SER E 145 13.38 -49.32 -26.50
C SER E 145 13.26 -49.80 -27.94
N THR E 146 12.46 -50.83 -28.19
CA THR E 146 12.22 -51.36 -29.53
C THR E 146 10.83 -50.93 -29.99
N SER E 147 10.77 -50.23 -31.11
CA SER E 147 9.50 -49.75 -31.65
C SER E 147 9.69 -49.43 -33.13
N GLY E 148 8.75 -49.89 -33.95
CA GLY E 148 8.82 -49.64 -35.38
C GLY E 148 10.00 -50.28 -36.07
N GLY E 149 10.56 -51.33 -35.49
CA GLY E 149 11.71 -52.00 -36.08
C GLY E 149 12.98 -51.18 -36.09
N THR E 150 13.04 -50.09 -35.34
CA THR E 150 14.20 -49.21 -35.31
C THR E 150 14.52 -48.87 -33.85
N ALA E 151 15.67 -49.34 -33.37
CA ALA E 151 16.09 -49.10 -32.00
C ALA E 151 17.04 -47.92 -31.93
N ALA E 152 16.99 -47.19 -30.81
CA ALA E 152 17.79 -46.00 -30.60
C ALA E 152 18.88 -46.28 -29.58
N LEU E 153 20.06 -45.74 -29.85
CA LEU E 153 21.21 -45.88 -28.95
C LEU E 153 22.16 -44.74 -29.22
N GLY E 154 22.95 -44.37 -28.21
CA GLY E 154 23.81 -43.22 -28.39
C GLY E 154 24.84 -43.04 -27.30
N CYS E 155 25.36 -41.82 -27.24
CA CYS E 155 26.40 -41.44 -26.29
C CYS E 155 26.03 -40.13 -25.62
N LEU E 156 26.16 -40.08 -24.28
CA LEU E 156 25.81 -38.93 -23.48
C LEU E 156 27.07 -38.27 -22.93
N VAL E 157 27.26 -36.98 -23.23
CA VAL E 157 28.35 -36.19 -22.67
C VAL E 157 27.79 -35.31 -21.56
N LYS E 158 28.56 -35.16 -20.48
CA LYS E 158 28.07 -34.50 -19.28
C LYS E 158 29.23 -33.84 -18.56
N ASP E 159 28.94 -32.73 -17.87
CA ASP E 159 29.88 -32.08 -16.97
C ASP E 159 31.11 -31.58 -17.72
N TYR E 160 30.87 -30.66 -18.66
CA TYR E 160 31.93 -29.97 -19.37
C TYR E 160 31.65 -28.48 -19.36
N PHE E 161 32.71 -27.70 -19.59
CA PHE E 161 32.61 -26.24 -19.60
C PHE E 161 33.86 -25.64 -20.24
N PRO E 162 33.71 -24.66 -21.15
CA PRO E 162 32.42 -24.17 -21.62
C PRO E 162 32.00 -24.80 -22.95
N GLU E 163 30.92 -24.29 -23.53
CA GLU E 163 30.45 -24.76 -24.82
C GLU E 163 31.43 -24.33 -25.92
N PRO E 164 31.42 -25.04 -27.06
CA PRO E 164 30.65 -26.24 -27.38
C PRO E 164 31.49 -27.51 -27.43
N VAL E 165 30.83 -28.64 -27.68
CA VAL E 165 31.49 -29.93 -27.84
C VAL E 165 30.98 -30.57 -29.14
N THR E 166 31.90 -31.15 -29.91
CA THR E 166 31.54 -31.78 -31.17
C THR E 166 31.40 -33.28 -30.98
N VAL E 167 30.35 -33.86 -31.56
CA VAL E 167 30.09 -35.29 -31.45
C VAL E 167 29.81 -35.84 -32.83
N SER E 168 30.46 -36.96 -33.17
CA SER E 168 30.27 -37.64 -34.44
C SER E 168 30.15 -39.14 -34.20
N TRP E 169 29.68 -39.85 -35.23
CA TRP E 169 29.47 -41.29 -35.17
C TRP E 169 30.19 -41.95 -36.34
N ASN E 170 30.94 -43.01 -36.04
CA ASN E 170 31.66 -43.79 -37.06
C ASN E 170 32.62 -42.92 -37.87
N SER E 171 33.21 -41.92 -37.23
CA SER E 171 34.17 -41.02 -37.85
C SER E 171 33.60 -40.33 -39.09
N GLY E 172 32.29 -40.12 -39.11
CA GLY E 172 31.63 -39.46 -40.22
C GLY E 172 31.05 -40.39 -41.26
N ALA E 173 31.35 -41.69 -41.19
CA ALA E 173 30.80 -42.63 -42.17
C ALA E 173 29.30 -42.82 -42.00
N LEU E 174 28.79 -42.68 -40.78
CA LEU E 174 27.36 -42.80 -40.51
C LEU E 174 26.77 -41.39 -40.36
N THR E 175 25.89 -41.02 -41.28
CA THR E 175 25.29 -39.69 -41.32
C THR E 175 23.81 -39.70 -41.00
N SER E 176 23.04 -40.55 -41.67
CA SER E 176 21.59 -40.55 -41.48
C SER E 176 21.22 -41.14 -40.12
N GLY E 177 20.22 -40.53 -39.48
CA GLY E 177 19.70 -41.00 -38.22
C GLY E 177 20.29 -40.36 -36.98
N VAL E 178 21.22 -39.43 -37.14
CA VAL E 178 21.86 -38.80 -35.99
C VAL E 178 20.98 -37.68 -35.46
N HIS E 179 20.91 -37.57 -34.14
CA HIS E 179 20.16 -36.52 -33.47
C HIS E 179 21.01 -35.99 -32.32
N THR E 180 21.34 -34.70 -32.38
CA THR E 180 22.12 -34.04 -31.34
C THR E 180 21.29 -32.91 -30.75
N PHE E 181 21.06 -32.95 -29.45
CA PHE E 181 20.22 -31.98 -28.77
C PHE E 181 21.07 -31.00 -27.98
N PRO E 182 20.65 -29.74 -27.90
CA PRO E 182 21.46 -28.74 -27.17
C PRO E 182 21.56 -29.09 -25.69
N ALA E 183 22.71 -28.77 -25.11
CA ALA E 183 22.94 -29.05 -23.70
C ALA E 183 22.18 -28.06 -22.82
N VAL E 184 21.81 -28.52 -21.63
CA VAL E 184 21.08 -27.72 -20.67
C VAL E 184 21.95 -27.49 -19.45
N LEU E 185 21.80 -26.30 -18.85
CA LEU E 185 22.57 -25.97 -17.66
C LEU E 185 22.17 -26.87 -16.50
N GLN E 186 23.16 -27.48 -15.86
CA GLN E 186 22.91 -28.36 -14.72
C GLN E 186 22.73 -27.53 -13.46
N SER E 187 22.65 -28.20 -12.31
CA SER E 187 22.55 -27.50 -11.04
C SER E 187 23.91 -26.96 -10.60
N SER E 188 24.99 -27.68 -10.91
CA SER E 188 26.33 -27.26 -10.58
C SER E 188 26.89 -26.21 -11.54
N GLY E 189 26.14 -25.86 -12.58
CA GLY E 189 26.60 -24.86 -13.53
C GLY E 189 27.39 -25.39 -14.71
N LEU E 190 27.06 -26.59 -15.19
CA LEU E 190 27.76 -27.16 -16.34
C LEU E 190 26.77 -27.58 -17.42
N TYR E 191 27.26 -28.25 -18.46
CA TYR E 191 26.45 -28.63 -19.61
C TYR E 191 26.45 -30.15 -19.80
N SER E 192 25.36 -30.65 -20.37
CA SER E 192 25.22 -32.08 -20.66
C SER E 192 24.25 -32.26 -21.82
N LEU E 193 24.69 -32.99 -22.83
CA LEU E 193 23.86 -33.29 -23.99
C LEU E 193 24.04 -34.75 -24.38
N SER E 194 23.24 -35.21 -25.34
CA SER E 194 23.28 -36.59 -25.78
C SER E 194 23.12 -36.65 -27.29
N SER E 195 23.94 -37.48 -27.93
CA SER E 195 23.86 -37.73 -29.37
C SER E 195 23.34 -39.14 -29.56
N VAL E 196 22.16 -39.27 -30.14
CA VAL E 196 21.50 -40.56 -30.31
C VAL E 196 21.40 -40.86 -31.80
N VAL E 197 21.26 -42.15 -32.12
CA VAL E 197 21.03 -42.60 -33.50
C VAL E 197 20.02 -43.74 -33.45
N THR E 198 19.09 -43.72 -34.40
CA THR E 198 18.03 -44.73 -34.51
C THR E 198 18.32 -45.57 -35.74
N VAL E 199 18.61 -46.85 -35.52
CA VAL E 199 18.98 -47.76 -36.60
C VAL E 199 18.11 -49.01 -36.53
N PRO E 200 17.72 -49.60 -37.66
CA PRO E 200 17.04 -50.90 -37.62
C PRO E 200 17.81 -51.92 -36.82
N SER E 201 17.09 -52.63 -35.93
CA SER E 201 17.73 -53.55 -34.99
C SER E 201 18.34 -54.78 -35.68
N SER E 202 18.10 -54.97 -36.98
CA SER E 202 18.67 -56.11 -37.68
C SER E 202 20.20 -56.05 -37.76
N SER E 203 20.79 -54.86 -37.62
CA SER E 203 22.23 -54.69 -37.66
C SER E 203 22.85 -54.49 -36.28
N LEU E 204 22.09 -54.73 -35.22
CA LEU E 204 22.60 -54.54 -33.87
C LEU E 204 23.64 -55.60 -33.50
N GLY E 205 23.43 -56.83 -33.96
CA GLY E 205 24.34 -57.91 -33.66
C GLY E 205 25.47 -58.14 -34.65
N THR E 206 25.57 -57.32 -35.70
CA THR E 206 26.61 -57.48 -36.71
C THR E 206 27.57 -56.32 -36.78
N GLN E 207 27.07 -55.09 -36.71
CA GLN E 207 27.89 -53.89 -36.84
C GLN E 207 28.04 -53.21 -35.49
N THR E 208 29.27 -52.91 -35.10
CA THR E 208 29.55 -52.16 -33.89
C THR E 208 29.53 -50.67 -34.18
N TYR E 209 29.19 -49.89 -33.15
CA TYR E 209 29.02 -48.45 -33.26
C TYR E 209 29.99 -47.74 -32.32
N ILE E 210 30.60 -46.68 -32.84
CA ILE E 210 31.60 -45.90 -32.12
C ILE E 210 31.19 -44.43 -32.12
N CYS E 211 31.12 -43.84 -30.93
CA CYS E 211 30.82 -42.43 -30.76
C CYS E 211 32.10 -41.69 -30.41
N ASN E 212 32.38 -40.63 -31.16
CA ASN E 212 33.59 -39.84 -31.02
C ASN E 212 33.22 -38.45 -30.54
N VAL E 213 33.85 -38.03 -29.46
CA VAL E 213 33.60 -36.73 -28.85
C VAL E 213 34.90 -35.93 -28.90
N ASN E 214 34.77 -34.65 -29.26
CA ASN E 214 35.91 -33.76 -29.36
C ASN E 214 35.59 -32.51 -28.58
N HIS E 215 36.55 -32.06 -27.75
CA HIS E 215 36.35 -30.89 -26.91
C HIS E 215 37.63 -30.08 -26.87
N LYS E 216 37.55 -28.83 -27.33
CA LYS E 216 38.70 -27.95 -27.41
C LYS E 216 39.14 -27.34 -26.07
N PRO E 217 38.22 -26.94 -25.16
CA PRO E 217 38.67 -26.31 -23.91
C PRO E 217 39.56 -27.18 -23.05
N SER E 218 39.50 -28.49 -23.20
CA SER E 218 40.35 -29.41 -22.45
C SER E 218 41.19 -30.31 -23.34
N ASN E 219 41.10 -30.17 -24.67
CA ASN E 219 41.85 -31.02 -25.59
C ASN E 219 41.54 -32.48 -25.32
N THR E 220 40.26 -32.80 -25.34
CA THR E 220 39.74 -34.14 -25.04
C THR E 220 39.26 -34.76 -26.34
N LYS E 221 39.84 -35.91 -26.68
CA LYS E 221 39.47 -36.64 -27.90
C LYS E 221 39.17 -38.07 -27.46
N VAL E 222 37.88 -38.44 -27.41
CA VAL E 222 37.51 -39.72 -26.83
C VAL E 222 36.62 -40.52 -27.78
N ASP E 223 36.95 -41.79 -27.97
CA ASP E 223 36.13 -42.72 -28.74
C ASP E 223 35.56 -43.79 -27.81
N LYS E 224 34.26 -44.05 -27.92
CA LYS E 224 33.59 -45.02 -27.04
C LYS E 224 32.73 -45.96 -27.87
N LYS E 225 32.73 -47.24 -27.50
CA LYS E 225 31.90 -48.25 -28.16
C LYS E 225 30.60 -48.42 -27.39
N VAL E 226 29.49 -48.49 -28.11
CA VAL E 226 28.16 -48.64 -27.52
C VAL E 226 27.67 -50.04 -27.89
N GLU E 227 27.71 -50.95 -26.92
CA GLU E 227 27.28 -52.32 -27.13
C GLU E 227 26.16 -52.70 -26.18
N PRO E 228 25.25 -53.60 -26.58
CA PRO E 228 24.15 -54.05 -25.72
C PRO E 228 24.64 -54.73 -24.43
#